data_5HI4
#
_entry.id   5HI4
#
_cell.length_a   91.240
_cell.length_b   68.190
_cell.length_c   100.120
_cell.angle_alpha   90.00
_cell.angle_beta   91.33
_cell.angle_gamma   90.00
#
_symmetry.space_group_name_H-M   'P 1 21 1'
#
loop_
_entity.id
_entity.type
_entity.pdbx_description
1 polymer Interleukin-17A
2 polymer 'CAT-2000 FAB heavy chain'
3 polymer 'CAT-2000 FAB light chain'
4 polymer 'synthetic IL-17A peptide inhibitor'
5 non-polymer "(9'S,17'R)-6'-chloro-N-methyl-9'-{[(1-methyl-1H-pyrazol-5-yl)carbonyl]amino}-10',19'-dioxo-2'-oxa-11',18'-diazaspiro[cyclopentane-1,21'-tetracyclo[20.2.2.2~12,15~.1~3,7~]nonacosane]-1'(24'),3'(29'),4',6',12',14',22',25',27'-nonaene-17'-carboxamide"
6 water water
#
loop_
_entity_poly.entity_id
_entity_poly.type
_entity_poly.pdbx_seq_one_letter_code
_entity_poly.pdbx_strand_id
1 'polypeptide(L)'
;GITIPRNPGCPNSEDKNFPRTVMVNLNIHNRNTNTNPKRSSDYYNRSTSPWNLHRNEDPERYPSVIWEAKCRHLGCINAD
GNVDYHMNSVPIQQEILVLRREPPHCPNSFRLEKILVSVGCTCVTPIVHHVA
;
A,B
2 'polypeptide(L)'
;GSHHHHHHGSENLYFQGEVQLLESGGGLVQPGGSLRLSCAASGFTFSSYAMSWVRQAPGKGLEWVSAISGSGGSTYYADS
VKGRFTISRDNSKNTLYLQMNSLRAEDTAVYYCARDLIHGVTRNWGQGTLVTVSSASTKGPSVFPLAPSSKSTSGGTAAL
GCLVKDYFPQPVTVSWNSGALTSGVHTFPAVLQSSGLYSLSSVVTVPSSSLGTQTYICNVNHKPSNTKVDKKVEPKS
;
C,H
3 'polypeptide(L)'
;NFMLTQPHSVSESPGKTVTISCTRSSGSLANYYVQWYQQRPGSSPTIVIFANNQRPSGVPDRFSGSIDSSSNSASLTISG
LKTEDEADYYCQTYDPYSVVFGGGTKLTVLGQPKAAPSVTLFPPSSEELQANKATLVCLISDFYPGAVTVAWKADSSPVK
AGVETTTPSKQSNNKYAASSYLSLTPEQWKSHRSYSCQVTHEGSTVEKTVAPTE
;
D,L
4 'polypeptide(L)' (ACE)IHVTIPADLWDWINK I
#
# COMPACT_ATOMS: atom_id res chain seq x y z
N ARG A 39 -6.15 -12.66 -15.95
CA ARG A 39 -6.97 -13.88 -15.98
C ARG A 39 -6.57 -14.88 -14.87
N SER A 40 -5.33 -14.79 -14.36
CA SER A 40 -4.82 -15.65 -13.29
C SER A 40 -4.95 -14.97 -11.91
N SER A 41 -4.76 -13.63 -11.86
CA SER A 41 -4.84 -12.87 -10.61
C SER A 41 -5.41 -11.47 -10.79
N ASP A 42 -6.21 -11.01 -9.83
CA ASP A 42 -6.78 -9.66 -9.88
C ASP A 42 -6.26 -8.72 -8.76
N TYR A 43 -5.11 -9.06 -8.17
CA TYR A 43 -4.47 -8.18 -7.17
C TYR A 43 -4.17 -6.81 -7.78
N TYR A 44 -3.91 -6.75 -9.10
CA TYR A 44 -3.63 -5.50 -9.84
C TYR A 44 -4.75 -4.46 -9.63
N ASN A 45 -5.99 -4.93 -9.44
CA ASN A 45 -7.10 -4.02 -9.25
C ASN A 45 -7.46 -3.78 -7.77
N ARG A 46 -7.08 -4.71 -6.89
CA ARG A 46 -7.45 -4.67 -5.47
C ARG A 46 -6.37 -4.11 -4.55
N SER A 47 -5.18 -3.93 -5.08
CA SER A 47 -4.05 -3.39 -4.33
C SER A 47 -4.21 -1.90 -4.00
N THR A 48 -3.63 -1.45 -2.86
CA THR A 48 -3.53 -0.02 -2.51
C THR A 48 -2.51 0.65 -3.44
N SER A 49 -1.70 -0.15 -4.15
CA SER A 49 -0.76 0.36 -5.15
C SER A 49 -1.13 -0.38 -6.45
N PRO A 50 -2.31 -0.05 -7.05
CA PRO A 50 -2.79 -0.83 -8.20
C PRO A 50 -1.91 -0.64 -9.44
N TRP A 51 -2.02 -1.56 -10.40
CA TRP A 51 -1.22 -1.47 -11.61
C TRP A 51 -1.98 -1.90 -12.85
N ASN A 52 -1.44 -1.54 -14.01
CA ASN A 52 -1.92 -1.90 -15.33
C ASN A 52 -0.86 -2.80 -15.91
N LEU A 53 -1.25 -3.66 -16.86
CA LEU A 53 -0.32 -4.58 -17.51
C LEU A 53 -0.15 -4.17 -18.96
N HIS A 54 1.10 -3.95 -19.37
CA HIS A 54 1.43 -3.52 -20.71
C HIS A 54 2.22 -4.55 -21.49
N ARG A 55 1.88 -4.73 -22.78
CA ARG A 55 2.56 -5.71 -23.62
C ARG A 55 3.85 -5.17 -24.22
N ASN A 56 4.97 -5.85 -23.93
CA ASN A 56 6.30 -5.51 -24.44
C ASN A 56 6.58 -6.52 -25.54
N GLU A 57 6.56 -6.06 -26.80
CA GLU A 57 6.78 -6.92 -27.97
C GLU A 57 8.20 -6.84 -28.50
N ASP A 58 8.77 -8.01 -28.82
CA ASP A 58 10.11 -8.17 -29.37
C ASP A 58 10.16 -9.49 -30.19
N PRO A 59 10.25 -9.42 -31.54
CA PRO A 59 10.29 -10.66 -32.33
C PRO A 59 11.62 -11.43 -32.20
N GLU A 60 12.73 -10.69 -31.91
CA GLU A 60 14.08 -11.23 -31.75
C GLU A 60 14.34 -11.80 -30.33
N ARG A 61 13.28 -11.91 -29.51
CA ARG A 61 13.35 -12.42 -28.14
C ARG A 61 12.29 -13.50 -27.93
N TYR A 62 12.59 -14.51 -27.09
CA TYR A 62 11.66 -15.55 -26.69
C TYR A 62 11.56 -15.58 -25.15
N PRO A 63 10.35 -15.39 -24.56
CA PRO A 63 9.06 -15.14 -25.21
C PRO A 63 8.99 -13.78 -25.90
N SER A 64 8.31 -13.72 -27.06
CA SER A 64 8.14 -12.52 -27.89
C SER A 64 7.35 -11.43 -27.17
N VAL A 65 6.32 -11.82 -26.41
CA VAL A 65 5.46 -10.93 -25.64
C VAL A 65 5.70 -11.13 -24.15
N ILE A 66 6.01 -10.04 -23.44
CA ILE A 66 6.19 -10.02 -21.99
C ILE A 66 5.26 -8.95 -21.42
N TRP A 67 4.40 -9.35 -20.48
CA TRP A 67 3.47 -8.44 -19.82
C TRP A 67 4.14 -7.80 -18.62
N GLU A 68 4.22 -6.46 -18.63
CA GLU A 68 4.88 -5.73 -17.56
C GLU A 68 3.94 -4.85 -16.80
N ALA A 69 4.08 -4.87 -15.47
CA ALA A 69 3.26 -4.06 -14.58
C ALA A 69 3.74 -2.61 -14.59
N LYS A 70 2.78 -1.68 -14.65
CA LYS A 70 3.05 -0.25 -14.58
C LYS A 70 2.09 0.29 -13.54
N CYS A 71 2.64 0.85 -12.46
CA CYS A 71 1.87 1.42 -11.36
C CYS A 71 0.92 2.48 -11.90
N ARG A 72 -0.32 2.43 -11.47
CA ARG A 72 -1.38 3.31 -11.93
C ARG A 72 -1.19 4.74 -11.41
N HIS A 73 -0.70 4.88 -10.17
CA HIS A 73 -0.57 6.17 -9.50
C HIS A 73 0.83 6.32 -8.91
N LEU A 74 1.22 7.57 -8.61
CA LEU A 74 2.45 7.88 -7.90
C LEU A 74 2.23 7.57 -6.41
N GLY A 75 1.12 8.06 -5.84
CA GLY A 75 0.77 7.77 -4.46
C GLY A 75 0.12 6.40 -4.32
N CYS A 76 -0.40 6.09 -3.13
CA CYS A 76 -1.11 4.83 -2.85
C CYS A 76 -2.55 5.19 -2.50
N ILE A 77 -3.49 4.26 -2.66
CA ILE A 77 -4.89 4.51 -2.32
C ILE A 77 -5.08 4.35 -0.82
N ASN A 78 -5.56 5.39 -0.14
CA ASN A 78 -5.76 5.35 1.31
C ASN A 78 -7.13 4.78 1.68
N ALA A 79 -7.46 4.84 3.00
CA ALA A 79 -8.70 4.36 3.59
C ALA A 79 -9.99 4.98 2.99
N ASP A 80 -9.93 6.26 2.58
CA ASP A 80 -11.06 7.00 2.02
C ASP A 80 -11.21 6.88 0.49
N GLY A 81 -10.30 6.14 -0.14
CA GLY A 81 -10.29 5.94 -1.59
C GLY A 81 -9.54 6.99 -2.37
N ASN A 82 -8.74 7.80 -1.67
CA ASN A 82 -8.00 8.86 -2.34
C ASN A 82 -6.56 8.47 -2.53
N VAL A 83 -5.94 8.98 -3.61
CA VAL A 83 -4.51 8.82 -3.88
C VAL A 83 -3.80 9.63 -2.78
N ASP A 84 -3.01 8.96 -1.97
CA ASP A 84 -2.30 9.58 -0.85
C ASP A 84 -0.80 9.70 -1.21
N TYR A 85 -0.26 10.93 -1.22
CA TYR A 85 1.15 11.21 -1.60
C TYR A 85 2.14 11.19 -0.42
N HIS A 86 1.70 10.66 0.74
CA HIS A 86 2.58 10.42 1.89
C HIS A 86 3.24 9.01 1.70
N MET A 87 2.85 8.32 0.64
CA MET A 87 3.39 7.01 0.28
C MET A 87 3.50 6.95 -1.24
N ASN A 88 4.26 5.97 -1.77
CA ASN A 88 4.41 5.83 -3.21
C ASN A 88 4.16 4.42 -3.65
N SER A 89 3.53 4.25 -4.84
CA SER A 89 3.39 2.94 -5.48
C SER A 89 4.70 2.77 -6.26
N VAL A 90 5.37 1.61 -6.06
CA VAL A 90 6.66 1.31 -6.69
C VAL A 90 6.59 -0.08 -7.32
N PRO A 91 7.20 -0.29 -8.51
CA PRO A 91 7.15 -1.64 -9.10
C PRO A 91 8.11 -2.62 -8.42
N ILE A 92 7.69 -3.87 -8.30
CA ILE A 92 8.54 -4.95 -7.80
C ILE A 92 9.08 -5.63 -9.06
N GLN A 93 10.39 -5.59 -9.20
CA GLN A 93 11.07 -6.13 -10.36
C GLN A 93 11.71 -7.47 -10.06
N GLN A 94 11.77 -8.31 -11.09
CA GLN A 94 12.31 -9.65 -11.01
C GLN A 94 13.32 -9.81 -12.11
N GLU A 95 14.48 -10.35 -11.75
CA GLU A 95 15.52 -10.66 -12.71
C GLU A 95 15.14 -12.03 -13.27
N ILE A 96 14.92 -12.08 -14.59
CA ILE A 96 14.52 -13.30 -15.32
C ILE A 96 15.40 -13.51 -16.54
N LEU A 97 15.69 -14.77 -16.88
CA LEU A 97 16.50 -15.10 -18.07
C LEU A 97 15.58 -15.25 -19.28
N VAL A 98 16.00 -14.73 -20.42
CA VAL A 98 15.24 -14.79 -21.68
C VAL A 98 16.15 -15.31 -22.79
N LEU A 99 15.55 -15.65 -23.92
CA LEU A 99 16.28 -16.12 -25.10
C LEU A 99 16.31 -14.99 -26.13
N ARG A 100 17.48 -14.72 -26.72
CA ARG A 100 17.64 -13.67 -27.73
C ARG A 100 18.44 -14.14 -28.94
N ARG A 101 18.09 -13.63 -30.13
CA ARG A 101 18.80 -13.92 -31.36
C ARG A 101 19.96 -12.93 -31.48
N GLU A 102 21.19 -13.41 -31.24
CA GLU A 102 22.41 -12.61 -31.31
C GLU A 102 23.45 -13.29 -32.21
N PRO A 103 23.96 -12.62 -33.29
CA PRO A 103 23.72 -11.24 -33.77
C PRO A 103 22.26 -10.95 -34.17
N PRO A 104 21.77 -9.68 -34.06
CA PRO A 104 20.35 -9.41 -34.42
C PRO A 104 20.03 -9.58 -35.90
N PRO A 107 19.61 -17.04 -37.35
CA PRO A 107 18.62 -18.13 -37.23
C PRO A 107 19.15 -19.33 -36.46
N ASN A 108 20.48 -19.48 -36.41
CA ASN A 108 21.19 -20.61 -35.80
C ASN A 108 21.59 -20.42 -34.34
N SER A 109 22.15 -19.23 -33.99
CA SER A 109 22.66 -18.96 -32.65
C SER A 109 21.74 -18.13 -31.76
N PHE A 110 21.70 -18.46 -30.46
CA PHE A 110 20.93 -17.74 -29.45
C PHE A 110 21.82 -17.42 -28.25
N ARG A 111 21.41 -16.41 -27.46
CA ARG A 111 22.11 -15.97 -26.25
C ARG A 111 21.10 -15.91 -25.09
N LEU A 112 21.48 -16.42 -23.91
CA LEU A 112 20.63 -16.34 -22.72
C LEU A 112 20.95 -15.03 -22.02
N GLU A 113 19.96 -14.12 -21.96
CA GLU A 113 20.11 -12.79 -21.38
C GLU A 113 19.26 -12.61 -20.14
N LYS A 114 19.84 -11.98 -19.11
CA LYS A 114 19.18 -11.65 -17.86
C LYS A 114 18.51 -10.29 -18.05
N ILE A 115 17.17 -10.26 -17.90
CA ILE A 115 16.33 -9.08 -18.04
C ILE A 115 15.58 -8.79 -16.74
N LEU A 116 15.17 -7.54 -16.57
CA LEU A 116 14.44 -7.12 -15.38
C LEU A 116 12.99 -6.83 -15.80
N VAL A 117 12.01 -7.45 -15.14
CA VAL A 117 10.58 -7.25 -15.44
C VAL A 117 9.82 -6.86 -14.21
N SER A 118 8.82 -5.95 -14.37
CA SER A 118 7.95 -5.52 -13.28
C SER A 118 6.78 -6.50 -13.22
N VAL A 119 6.64 -7.17 -12.07
CA VAL A 119 5.64 -8.20 -11.81
C VAL A 119 4.35 -7.61 -11.19
N GLY A 120 4.51 -6.57 -10.40
CA GLY A 120 3.42 -5.88 -9.73
C GLY A 120 3.95 -4.66 -9.01
N CYS A 121 3.10 -4.01 -8.21
CA CYS A 121 3.49 -2.83 -7.41
C CYS A 121 3.23 -3.05 -5.93
N THR A 122 4.01 -2.37 -5.08
CA THR A 122 3.84 -2.38 -3.62
C THR A 122 3.81 -0.92 -3.18
N CYS A 123 3.39 -0.66 -1.95
CA CYS A 123 3.30 0.70 -1.45
C CYS A 123 4.43 0.91 -0.46
N VAL A 124 5.26 1.94 -0.68
CA VAL A 124 6.36 2.28 0.23
C VAL A 124 6.09 3.64 0.90
N THR A 125 6.59 3.78 2.11
CA THR A 125 6.42 4.96 2.96
C THR A 125 7.83 5.48 3.36
N PRO A 126 8.01 6.80 3.65
CA PRO A 126 9.34 7.28 4.08
C PRO A 126 9.61 7.03 5.58
N ILE A 127 8.63 6.51 6.34
CA ILE A 127 8.78 6.21 7.76
C ILE A 127 8.76 4.69 7.98
N VAL A 128 9.88 4.13 8.45
CA VAL A 128 9.97 2.69 8.69
C VAL A 128 9.67 2.39 10.16
N HIS A 129 8.69 1.53 10.42
CA HIS A 129 8.24 1.19 11.76
C HIS A 129 8.72 -0.19 12.20
N ASN B 36 21.13 -12.55 -4.06
CA ASN B 36 20.32 -12.10 -2.93
C ASN B 36 19.61 -10.75 -3.26
N PRO B 37 18.26 -10.72 -3.21
CA PRO B 37 17.53 -9.47 -3.56
C PRO B 37 17.59 -8.35 -2.51
N LYS B 38 18.06 -8.65 -1.29
CA LYS B 38 18.23 -7.70 -0.17
C LYS B 38 19.29 -6.63 -0.52
N ARG B 39 20.31 -7.04 -1.29
CA ARG B 39 21.45 -6.24 -1.76
C ARG B 39 21.11 -5.41 -3.00
N SER B 40 20.05 -5.80 -3.74
CA SER B 40 19.60 -5.11 -4.95
C SER B 40 18.48 -4.10 -4.65
N SER B 41 17.58 -4.43 -3.71
CA SER B 41 16.44 -3.58 -3.34
C SER B 41 16.01 -3.76 -1.88
N ASP B 42 15.58 -2.66 -1.26
CA ASP B 42 15.13 -2.69 0.13
C ASP B 42 13.63 -2.38 0.28
N TYR B 43 12.85 -2.51 -0.79
CA TYR B 43 11.38 -2.35 -0.73
C TYR B 43 10.77 -3.34 0.27
N TYR B 44 11.42 -4.52 0.45
CA TYR B 44 10.96 -5.54 1.40
C TYR B 44 10.82 -4.98 2.82
N ASN B 45 11.64 -4.01 3.18
CA ASN B 45 11.59 -3.42 4.51
C ASN B 45 10.75 -2.13 4.59
N ARG B 46 10.58 -1.44 3.46
CA ARG B 46 9.91 -0.14 3.41
C ARG B 46 8.44 -0.21 3.02
N SER B 47 8.01 -1.36 2.51
CA SER B 47 6.64 -1.57 2.06
C SER B 47 5.66 -1.59 3.24
N THR B 48 4.39 -1.16 2.99
CA THR B 48 3.29 -1.28 3.96
C THR B 48 2.91 -2.78 4.08
N SER B 49 3.36 -3.62 3.14
CA SER B 49 3.15 -5.07 3.18
C SER B 49 4.56 -5.66 3.12
N PRO B 50 5.37 -5.50 4.21
CA PRO B 50 6.78 -5.94 4.15
C PRO B 50 6.92 -7.44 4.05
N TRP B 51 8.09 -7.90 3.61
CA TRP B 51 8.34 -9.32 3.46
C TRP B 51 9.77 -9.71 3.86
N ASN B 52 9.97 -11.00 4.05
CA ASN B 52 11.26 -11.62 4.34
C ASN B 52 11.60 -12.45 3.13
N LEU B 53 12.88 -12.68 2.87
CA LEU B 53 13.34 -13.49 1.74
C LEU B 53 13.94 -14.78 2.24
N HIS B 54 13.43 -15.90 1.75
CA HIS B 54 13.89 -17.22 2.17
C HIS B 54 14.57 -17.99 1.04
N ARG B 55 15.73 -18.60 1.34
CA ARG B 55 16.48 -19.36 0.33
C ARG B 55 15.93 -20.79 0.16
N ASN B 56 15.52 -21.11 -1.07
CA ASN B 56 15.00 -22.42 -1.45
C ASN B 56 16.14 -23.11 -2.20
N GLU B 57 16.76 -24.12 -1.56
CA GLU B 57 17.89 -24.84 -2.13
C GLU B 57 17.49 -26.16 -2.76
N ASP B 58 18.05 -26.45 -3.95
CA ASP B 58 17.83 -27.67 -4.71
C ASP B 58 19.03 -27.93 -5.63
N PRO B 59 19.88 -28.95 -5.34
CA PRO B 59 21.04 -29.21 -6.20
C PRO B 59 20.68 -29.77 -7.58
N GLU B 60 19.54 -30.49 -7.67
CA GLU B 60 19.02 -31.12 -8.89
C GLU B 60 18.22 -30.16 -9.79
N ARG B 61 18.26 -28.86 -9.45
CA ARG B 61 17.55 -27.80 -10.18
C ARG B 61 18.51 -26.65 -10.51
N TYR B 62 18.28 -26.00 -11.66
CA TYR B 62 19.03 -24.81 -12.08
C TYR B 62 18.04 -23.66 -12.35
N PRO B 63 18.17 -22.50 -11.66
CA PRO B 63 19.17 -22.18 -10.61
C PRO B 63 18.96 -22.98 -9.33
N SER B 64 20.08 -23.36 -8.67
CA SER B 64 20.10 -24.15 -7.44
C SER B 64 19.44 -23.43 -6.26
N VAL B 65 19.67 -22.11 -6.15
CA VAL B 65 19.11 -21.26 -5.11
C VAL B 65 18.09 -20.28 -5.69
N ILE B 66 16.87 -20.30 -5.13
CA ILE B 66 15.78 -19.38 -5.49
C ILE B 66 15.32 -18.67 -4.22
N TRP B 67 15.35 -17.33 -4.24
CA TRP B 67 14.93 -16.52 -3.11
C TRP B 67 13.44 -16.25 -3.22
N GLU B 68 12.68 -16.64 -2.18
CA GLU B 68 11.23 -16.45 -2.19
C GLU B 68 10.76 -15.52 -1.10
N ALA B 69 9.86 -14.61 -1.47
CA ALA B 69 9.28 -13.65 -0.55
C ALA B 69 8.20 -14.29 0.30
N LYS B 70 8.21 -14.00 1.59
CA LYS B 70 7.20 -14.46 2.53
C LYS B 70 6.73 -13.22 3.30
N CYS B 71 5.44 -12.86 3.13
CA CYS B 71 4.84 -11.70 3.79
C CYS B 71 5.05 -11.79 5.29
N ARG B 72 5.48 -10.69 5.89
CA ARG B 72 5.81 -10.65 7.31
C ARG B 72 4.57 -10.69 8.19
N HIS B 73 3.46 -10.07 7.71
CA HIS B 73 2.22 -9.91 8.48
C HIS B 73 1.02 -10.31 7.66
N LEU B 74 -0.11 -10.61 8.33
CA LEU B 74 -1.39 -10.87 7.69
C LEU B 74 -1.98 -9.50 7.26
N GLY B 75 -1.99 -8.53 8.16
CA GLY B 75 -2.45 -7.18 7.82
C GLY B 75 -1.37 -6.38 7.12
N CYS B 76 -1.62 -5.08 6.92
CA CYS B 76 -0.66 -4.15 6.32
C CYS B 76 -0.29 -3.10 7.39
N ILE B 77 0.85 -2.44 7.27
CA ILE B 77 1.27 -1.41 8.22
C ILE B 77 0.58 -0.10 7.89
N ASN B 78 -0.17 0.45 8.85
CA ASN B 78 -0.88 1.72 8.64
C ASN B 78 0.02 2.95 8.94
N ALA B 79 -0.59 4.15 8.90
CA ALA B 79 0.06 5.44 9.14
C ALA B 79 0.74 5.56 10.52
N ASP B 80 0.18 4.91 11.56
CA ASP B 80 0.68 4.95 12.94
C ASP B 80 1.72 3.86 13.26
N GLY B 81 2.05 3.01 12.28
CA GLY B 81 3.00 1.92 12.44
C GLY B 81 2.40 0.64 12.96
N ASN B 82 1.06 0.54 12.95
CA ASN B 82 0.42 -0.66 13.46
C ASN B 82 -0.02 -1.55 12.33
N VAL B 83 -0.04 -2.86 12.58
CA VAL B 83 -0.56 -3.89 11.66
C VAL B 83 -2.07 -3.63 11.63
N ASP B 84 -2.59 -3.30 10.46
CA ASP B 84 -4.00 -2.99 10.24
C ASP B 84 -4.67 -4.17 9.51
N TYR B 85 -5.69 -4.77 10.14
CA TYR B 85 -6.40 -5.95 9.60
C TYR B 85 -7.63 -5.63 8.72
N HIS B 86 -7.78 -4.35 8.31
CA HIS B 86 -8.78 -3.91 7.32
C HIS B 86 -8.20 -4.14 5.90
N MET B 87 -6.95 -4.59 5.84
CA MET B 87 -6.25 -4.90 4.61
C MET B 87 -5.37 -6.11 4.85
N ASN B 88 -4.89 -6.74 3.78
CA ASN B 88 -4.02 -7.92 3.89
C ASN B 88 -2.79 -7.78 3.05
N SER B 89 -1.64 -8.30 3.55
CA SER B 89 -0.41 -8.43 2.78
C SER B 89 -0.56 -9.75 2.02
N VAL B 90 -0.36 -9.72 0.71
CA VAL B 90 -0.50 -10.88 -0.17
C VAL B 90 0.75 -11.02 -1.06
N PRO B 91 1.25 -12.25 -1.31
CA PRO B 91 2.43 -12.36 -2.18
C PRO B 91 2.09 -12.20 -3.66
N ILE B 92 2.99 -11.55 -4.41
CA ILE B 92 2.84 -11.44 -5.85
C ILE B 92 3.71 -12.58 -6.41
N GLN B 93 3.06 -13.49 -7.12
CA GLN B 93 3.72 -14.69 -7.67
C GLN B 93 3.93 -14.57 -9.18
N GLN B 94 4.98 -15.22 -9.68
CA GLN B 94 5.29 -15.22 -11.11
C GLN B 94 5.59 -16.66 -11.55
N GLU B 95 4.97 -17.10 -12.66
CA GLU B 95 5.21 -18.42 -13.25
C GLU B 95 6.52 -18.33 -14.00
N ILE B 96 7.49 -19.15 -13.60
CA ILE B 96 8.83 -19.18 -14.19
C ILE B 96 9.23 -20.61 -14.54
N LEU B 97 9.93 -20.78 -15.67
CA LEU B 97 10.43 -22.07 -16.11
C LEU B 97 11.81 -22.28 -15.51
N VAL B 98 12.08 -23.50 -15.07
CA VAL B 98 13.29 -23.91 -14.38
C VAL B 98 13.86 -25.22 -14.99
N LEU B 99 15.18 -25.43 -14.84
CA LEU B 99 15.83 -26.61 -15.38
C LEU B 99 15.97 -27.66 -14.28
N ARG B 100 15.64 -28.93 -14.58
CA ARG B 100 15.73 -30.02 -13.62
C ARG B 100 16.36 -31.27 -14.21
N ARG B 101 17.11 -32.02 -13.38
CA ARG B 101 17.73 -33.28 -13.77
C ARG B 101 16.70 -34.40 -13.55
N GLU B 102 16.11 -34.90 -14.64
CA GLU B 102 15.10 -35.97 -14.60
C GLU B 102 15.51 -37.12 -15.53
N PRO B 103 15.65 -38.40 -15.07
CA PRO B 103 15.42 -38.92 -13.69
C PRO B 103 16.31 -38.31 -12.60
N PRO B 104 15.84 -38.24 -11.32
CA PRO B 104 16.66 -37.63 -10.26
C PRO B 104 17.92 -38.41 -9.90
N ASN B 108 22.65 -36.73 -18.68
CA ASN B 108 22.36 -36.64 -20.10
C ASN B 108 21.10 -35.83 -20.45
N SER B 109 20.00 -36.07 -19.71
CA SER B 109 18.73 -35.40 -19.94
C SER B 109 18.34 -34.38 -18.86
N PHE B 110 17.64 -33.33 -19.34
CA PHE B 110 17.09 -32.25 -18.52
C PHE B 110 15.64 -32.01 -18.91
N ARG B 111 14.84 -31.59 -17.93
CA ARG B 111 13.42 -31.31 -18.13
C ARG B 111 13.13 -29.86 -17.73
N LEU B 112 12.35 -29.16 -18.56
CA LEU B 112 11.95 -27.78 -18.28
C LEU B 112 10.66 -27.82 -17.48
N GLU B 113 10.71 -27.36 -16.22
CA GLU B 113 9.56 -27.36 -15.32
C GLU B 113 9.09 -25.97 -14.96
N LYS B 114 7.77 -25.77 -14.94
CA LYS B 114 7.13 -24.51 -14.56
C LYS B 114 6.94 -24.49 -13.04
N ILE B 115 7.43 -23.41 -12.39
CA ILE B 115 7.29 -23.20 -10.95
C ILE B 115 6.80 -21.79 -10.67
N LEU B 116 6.07 -21.64 -9.57
CA LEU B 116 5.49 -20.37 -9.15
C LEU B 116 6.37 -19.84 -8.03
N VAL B 117 6.86 -18.58 -8.14
CA VAL B 117 7.73 -17.98 -7.12
C VAL B 117 7.15 -16.68 -6.63
N SER B 118 7.26 -16.41 -5.32
CA SER B 118 6.82 -15.14 -4.73
C SER B 118 7.97 -14.15 -4.82
N VAL B 119 7.73 -13.03 -5.52
CA VAL B 119 8.72 -11.98 -5.78
C VAL B 119 8.70 -10.87 -4.70
N GLY B 120 7.53 -10.61 -4.14
CA GLY B 120 7.30 -9.60 -3.12
C GLY B 120 5.87 -9.65 -2.65
N CYS B 121 5.47 -8.67 -1.82
CA CYS B 121 4.09 -8.58 -1.31
C CYS B 121 3.47 -7.24 -1.65
N THR B 122 2.14 -7.22 -1.77
CA THR B 122 1.38 -5.99 -2.02
C THR B 122 0.27 -5.98 -0.97
N CYS B 123 -0.39 -4.85 -0.79
CA CYS B 123 -1.45 -4.72 0.19
C CYS B 123 -2.78 -4.69 -0.53
N VAL B 124 -3.69 -5.59 -0.16
CA VAL B 124 -5.03 -5.62 -0.76
C VAL B 124 -6.07 -5.25 0.28
N THR B 125 -7.16 -4.66 -0.20
CA THR B 125 -8.26 -4.14 0.60
C THR B 125 -9.57 -4.76 0.06
N PRO B 126 -10.63 -4.94 0.90
CA PRO B 126 -11.90 -5.48 0.38
C PRO B 126 -12.76 -4.42 -0.36
N ILE B 127 -12.35 -3.15 -0.35
CA ILE B 127 -13.08 -2.06 -1.02
C ILE B 127 -12.28 -1.57 -2.23
N VAL B 128 -12.85 -1.73 -3.42
CA VAL B 128 -12.18 -1.30 -4.66
C VAL B 128 -12.68 0.08 -5.07
N HIS B 129 -11.76 1.03 -5.20
CA HIS B 129 -12.03 2.42 -5.53
C HIS B 129 -11.73 2.75 -6.98
N GLU C 18 -19.85 -14.41 -13.54
CA GLU C 18 -20.55 -14.49 -12.25
C GLU C 18 -19.90 -15.53 -11.35
N VAL C 19 -19.72 -15.17 -10.06
CA VAL C 19 -19.12 -16.03 -9.06
C VAL C 19 -20.01 -17.27 -8.81
N GLN C 20 -19.40 -18.45 -8.89
CA GLN C 20 -20.05 -19.73 -8.68
C GLN C 20 -19.17 -20.59 -7.76
N LEU C 21 -19.77 -21.16 -6.72
CA LEU C 21 -19.10 -22.02 -5.75
C LEU C 21 -19.95 -23.26 -5.62
N LEU C 22 -19.44 -24.41 -6.08
CA LEU C 22 -20.22 -25.65 -6.07
C LEU C 22 -19.60 -26.72 -5.18
N GLU C 23 -20.23 -26.97 -4.02
CA GLU C 23 -19.74 -27.95 -3.05
C GLU C 23 -20.16 -29.36 -3.44
N SER C 24 -19.35 -30.34 -3.06
CA SER C 24 -19.61 -31.77 -3.32
C SER C 24 -19.00 -32.52 -2.18
N GLY C 25 -19.41 -33.77 -2.02
CA GLY C 25 -18.76 -34.65 -1.05
C GLY C 25 -19.51 -35.01 0.20
N GLY C 26 -20.61 -34.33 0.46
CA GLY C 26 -21.42 -34.55 1.64
C GLY C 26 -22.18 -35.85 1.57
N GLY C 27 -22.59 -36.33 2.70
CA GLY C 27 -23.35 -37.58 2.83
C GLY C 27 -23.20 -38.12 4.23
N LEU C 28 -23.51 -39.41 4.40
CA LEU C 28 -23.46 -40.07 5.68
C LEU C 28 -22.10 -40.67 6.04
N VAL C 29 -21.65 -40.42 7.28
CA VAL C 29 -20.40 -40.92 7.85
C VAL C 29 -20.71 -41.52 9.19
N GLN C 30 -20.02 -42.61 9.52
CA GLN C 30 -20.14 -43.19 10.86
C GLN C 30 -19.28 -42.35 11.81
N PRO C 31 -19.68 -42.21 13.09
CA PRO C 31 -18.81 -41.51 14.05
C PRO C 31 -17.40 -42.13 14.03
N GLY C 32 -16.38 -41.26 14.04
CA GLY C 32 -14.97 -41.66 13.96
C GLY C 32 -14.46 -41.78 12.53
N GLY C 33 -15.37 -41.70 11.56
CA GLY C 33 -15.05 -41.80 10.14
C GLY C 33 -14.44 -40.53 9.55
N SER C 34 -14.09 -40.60 8.27
CA SER C 34 -13.47 -39.52 7.51
C SER C 34 -14.31 -39.18 6.29
N LEU C 35 -14.16 -37.94 5.78
CA LEU C 35 -14.87 -37.50 4.57
C LEU C 35 -14.11 -36.32 4.01
N ARG C 36 -14.06 -36.21 2.68
CA ARG C 36 -13.42 -35.06 2.05
C ARG C 36 -14.50 -34.30 1.25
N LEU C 37 -14.59 -32.99 1.47
CA LEU C 37 -15.49 -32.11 0.75
C LEU C 37 -14.66 -31.36 -0.26
N SER C 38 -15.28 -31.01 -1.38
CA SER C 38 -14.71 -30.26 -2.48
C SER C 38 -15.61 -29.07 -2.73
N CYS C 39 -15.04 -28.02 -3.28
CA CYS C 39 -15.76 -26.84 -3.69
C CYS C 39 -15.10 -26.39 -5.00
N ALA C 40 -15.85 -26.44 -6.11
CA ALA C 40 -15.36 -26.05 -7.43
C ALA C 40 -15.76 -24.62 -7.64
N ALA C 41 -14.76 -23.76 -7.84
CA ALA C 41 -14.98 -22.34 -8.02
C ALA C 41 -14.79 -21.92 -9.46
N SER C 42 -15.60 -20.97 -9.92
CA SER C 42 -15.48 -20.37 -11.26
C SER C 42 -16.02 -18.96 -11.20
N GLY C 43 -15.69 -18.17 -12.23
CA GLY C 43 -16.17 -16.80 -12.37
C GLY C 43 -15.33 -15.73 -11.71
N PHE C 44 -14.15 -16.10 -11.18
CA PHE C 44 -13.20 -15.20 -10.53
C PHE C 44 -11.81 -15.84 -10.55
N THR C 45 -10.76 -15.02 -10.36
CA THR C 45 -9.36 -15.50 -10.33
C THR C 45 -9.14 -16.14 -8.96
N PHE C 46 -9.41 -17.46 -8.89
CA PHE C 46 -9.40 -18.27 -7.68
C PHE C 46 -8.16 -18.09 -6.79
N SER C 47 -6.94 -18.15 -7.37
CA SER C 47 -5.70 -18.07 -6.60
C SER C 47 -5.49 -16.70 -5.89
N SER C 48 -6.23 -15.66 -6.27
CA SER C 48 -6.05 -14.39 -5.58
C SER C 48 -7.11 -14.17 -4.47
N TYR C 49 -7.83 -15.25 -4.06
CA TYR C 49 -8.83 -15.13 -3.00
C TYR C 49 -8.65 -16.07 -1.86
N ALA C 50 -8.76 -15.51 -0.66
CA ALA C 50 -8.78 -16.30 0.56
C ALA C 50 -10.15 -17.03 0.52
N MET C 51 -10.20 -18.27 1.01
CA MET C 51 -11.43 -19.07 0.97
C MET C 51 -11.75 -19.58 2.35
N SER C 52 -13.02 -19.88 2.58
CA SER C 52 -13.44 -20.36 3.90
C SER C 52 -14.46 -21.48 3.81
N TRP C 53 -14.57 -22.26 4.89
CA TRP C 53 -15.64 -23.23 5.10
C TRP C 53 -16.41 -22.73 6.32
N VAL C 54 -17.76 -22.73 6.22
CA VAL C 54 -18.65 -22.30 7.30
C VAL C 54 -19.73 -23.39 7.34
N ARG C 55 -20.15 -23.81 8.54
CA ARG C 55 -21.16 -24.86 8.65
C ARG C 55 -22.41 -24.39 9.39
N GLN C 56 -23.51 -25.14 9.20
CA GLN C 56 -24.75 -24.81 9.86
C GLN C 56 -25.55 -26.06 10.15
N ALA C 57 -25.66 -26.42 11.44
CA ALA C 57 -26.45 -27.55 11.89
C ALA C 57 -27.96 -27.18 11.70
N PRO C 58 -28.88 -28.15 11.39
CA PRO C 58 -30.30 -27.78 11.16
C PRO C 58 -30.94 -26.97 12.27
N GLY C 59 -31.56 -25.85 11.90
CA GLY C 59 -32.20 -24.93 12.83
C GLY C 59 -31.26 -24.19 13.78
N LYS C 60 -29.94 -24.21 13.52
CA LYS C 60 -28.95 -23.53 14.36
C LYS C 60 -28.26 -22.41 13.55
N GLY C 61 -27.31 -21.73 14.18
CA GLY C 61 -26.61 -20.61 13.56
C GLY C 61 -25.45 -20.99 12.66
N LEU C 62 -24.87 -19.99 12.00
CA LEU C 62 -23.68 -20.18 11.17
C LEU C 62 -22.46 -20.32 12.08
N GLU C 63 -21.57 -21.26 11.76
CA GLU C 63 -20.36 -21.51 12.52
C GLU C 63 -19.17 -21.60 11.60
N TRP C 64 -18.24 -20.67 11.76
CA TRP C 64 -17.01 -20.67 10.98
C TRP C 64 -16.20 -21.93 11.30
N VAL C 65 -15.68 -22.57 10.25
CA VAL C 65 -14.91 -23.81 10.39
C VAL C 65 -13.42 -23.61 10.14
N SER C 66 -13.08 -23.10 8.94
CA SER C 66 -11.69 -23.03 8.53
C SER C 66 -11.52 -22.01 7.44
N ALA C 67 -10.28 -21.52 7.28
CA ALA C 67 -9.94 -20.54 6.25
C ALA C 67 -8.56 -20.82 5.72
N ILE C 68 -8.31 -20.39 4.46
CA ILE C 68 -7.04 -20.60 3.77
C ILE C 68 -6.71 -19.36 2.95
N SER C 69 -5.44 -18.93 2.94
CA SER C 69 -5.01 -17.77 2.14
C SER C 69 -5.07 -18.14 0.65
N GLY C 70 -5.10 -17.13 -0.23
CA GLY C 70 -5.12 -17.35 -1.68
C GLY C 70 -4.05 -18.32 -2.18
N SER C 71 -2.81 -18.16 -1.68
CA SER C 71 -1.66 -19.01 -2.04
C SER C 71 -1.71 -20.41 -1.41
N GLY C 72 -2.45 -20.56 -0.31
CA GLY C 72 -2.53 -21.78 0.47
C GLY C 72 -1.48 -21.83 1.59
N GLY C 73 -0.65 -20.79 1.66
CA GLY C 73 0.44 -20.67 2.63
C GLY C 73 0.03 -20.51 4.08
N SER C 74 -1.18 -19.97 4.33
CA SER C 74 -1.70 -19.76 5.68
C SER C 74 -3.05 -20.42 5.79
N THR C 75 -3.25 -21.16 6.89
CA THR C 75 -4.50 -21.86 7.21
C THR C 75 -4.95 -21.52 8.63
N TYR C 76 -6.29 -21.52 8.85
CA TYR C 76 -6.87 -21.13 10.14
C TYR C 76 -8.01 -22.09 10.47
N TYR C 77 -8.15 -22.44 11.76
CA TYR C 77 -9.15 -23.40 12.18
C TYR C 77 -9.90 -22.96 13.43
N ALA C 78 -11.21 -23.27 13.49
CA ALA C 78 -11.99 -23.04 14.70
C ALA C 78 -11.52 -24.09 15.72
N ASP C 79 -11.53 -23.73 17.00
CA ASP C 79 -11.14 -24.63 18.11
C ASP C 79 -11.88 -25.98 18.07
N SER C 80 -13.16 -25.99 17.68
CA SER C 80 -13.99 -27.18 17.60
C SER C 80 -13.54 -28.21 16.56
N VAL C 81 -12.65 -27.82 15.62
CA VAL C 81 -12.22 -28.73 14.54
C VAL C 81 -10.70 -28.88 14.42
N LYS C 82 -9.92 -28.18 15.27
CA LYS C 82 -8.45 -28.23 15.27
C LYS C 82 -7.94 -29.64 15.41
N GLY C 83 -6.97 -29.96 14.57
CA GLY C 83 -6.35 -31.28 14.58
C GLY C 83 -7.08 -32.30 13.74
N ARG C 84 -8.43 -32.24 13.73
CA ARG C 84 -9.30 -33.18 13.01
C ARG C 84 -9.54 -32.85 11.55
N PHE C 85 -9.66 -31.54 11.21
CA PHE C 85 -9.92 -31.13 9.84
C PHE C 85 -8.70 -30.50 9.20
N THR C 86 -8.61 -30.59 7.86
CA THR C 86 -7.53 -29.98 7.09
C THR C 86 -8.13 -29.27 5.91
N ILE C 87 -7.87 -27.96 5.82
CA ILE C 87 -8.29 -27.18 4.66
C ILE C 87 -7.11 -27.15 3.68
N SER C 88 -7.37 -27.24 2.38
CA SER C 88 -6.33 -27.18 1.35
C SER C 88 -6.96 -26.70 0.07
N ARG C 89 -6.13 -26.33 -0.90
CA ARG C 89 -6.67 -25.87 -2.18
C ARG C 89 -5.75 -26.32 -3.31
N ASP C 90 -6.32 -26.48 -4.52
CA ASP C 90 -5.56 -26.78 -5.72
C ASP C 90 -5.89 -25.63 -6.68
N ASN C 91 -4.97 -24.64 -6.75
CA ASN C 91 -5.17 -23.45 -7.58
C ASN C 91 -5.14 -23.74 -9.09
N SER C 92 -4.54 -24.87 -9.50
CA SER C 92 -4.56 -25.24 -10.93
C SER C 92 -5.93 -25.82 -11.34
N LYS C 93 -6.68 -26.35 -10.36
CA LYS C 93 -7.98 -26.98 -10.55
C LYS C 93 -9.13 -26.10 -10.06
N ASN C 94 -8.84 -24.88 -9.50
CA ASN C 94 -9.84 -23.97 -8.94
C ASN C 94 -10.73 -24.68 -7.93
N THR C 95 -10.14 -25.53 -7.08
CA THR C 95 -10.86 -26.34 -6.09
C THR C 95 -10.34 -26.14 -4.68
N LEU C 96 -11.27 -26.04 -3.73
CA LEU C 96 -11.06 -25.91 -2.30
C LEU C 96 -11.51 -27.25 -1.72
N TYR C 97 -10.76 -27.74 -0.74
CA TYR C 97 -11.05 -29.00 -0.07
C TYR C 97 -11.13 -28.83 1.42
N LEU C 98 -11.87 -29.72 2.03
CA LEU C 98 -11.90 -29.81 3.46
C LEU C 98 -11.85 -31.31 3.78
N GLN C 99 -10.73 -31.79 4.36
CA GLN C 99 -10.59 -33.19 4.79
C GLN C 99 -11.00 -33.25 6.25
N MET C 100 -11.93 -34.13 6.60
CA MET C 100 -12.43 -34.23 7.95
C MET C 100 -12.15 -35.62 8.49
N ASN C 101 -11.39 -35.70 9.56
CA ASN C 101 -11.13 -37.00 10.18
C ASN C 101 -11.79 -36.98 11.53
N SER C 102 -11.89 -38.16 12.21
CA SER C 102 -12.46 -38.27 13.58
C SER C 102 -13.79 -37.54 13.72
N LEU C 103 -14.71 -37.74 12.74
CA LEU C 103 -16.00 -37.05 12.73
C LEU C 103 -16.90 -37.49 13.87
N ARG C 104 -17.65 -36.55 14.41
CA ARG C 104 -18.56 -36.81 15.51
C ARG C 104 -19.95 -36.27 15.19
N ALA C 105 -21.00 -36.78 15.85
CA ALA C 105 -22.38 -36.34 15.62
C ALA C 105 -22.56 -34.80 15.57
N GLU C 106 -21.78 -34.05 16.37
CA GLU C 106 -21.84 -32.57 16.44
C GLU C 106 -21.31 -31.89 15.20
N ASP C 107 -20.64 -32.65 14.30
CA ASP C 107 -20.15 -32.12 13.03
C ASP C 107 -21.23 -32.19 11.95
N THR C 108 -22.41 -32.73 12.27
CA THR C 108 -23.54 -32.86 11.32
C THR C 108 -24.01 -31.44 11.00
N ALA C 109 -24.06 -31.09 9.71
CA ALA C 109 -24.35 -29.71 9.31
C ALA C 109 -24.35 -29.63 7.82
N VAL C 110 -24.85 -28.50 7.29
CA VAL C 110 -24.66 -28.13 5.89
C VAL C 110 -23.31 -27.36 5.91
N TYR C 111 -22.38 -27.75 5.03
CA TYR C 111 -21.09 -27.10 4.92
C TYR C 111 -21.08 -26.22 3.69
N TYR C 112 -20.77 -24.94 3.90
CA TYR C 112 -20.70 -23.96 2.82
C TYR C 112 -19.26 -23.58 2.57
N CYS C 113 -18.96 -23.45 1.30
CA CYS C 113 -17.73 -22.94 0.74
C CYS C 113 -17.98 -21.40 0.66
N ALA C 114 -16.96 -20.59 0.97
CA ALA C 114 -17.15 -19.12 0.94
C ALA C 114 -15.93 -18.42 0.39
N ARG C 115 -16.13 -17.39 -0.44
CA ARG C 115 -15.04 -16.59 -0.99
C ARG C 115 -14.87 -15.35 -0.12
N ASP C 116 -13.63 -15.08 0.32
CA ASP C 116 -13.31 -13.91 1.16
C ASP C 116 -12.50 -12.88 0.40
N LEU C 117 -12.86 -11.61 0.57
CA LEU C 117 -12.14 -10.51 -0.08
C LEU C 117 -10.80 -10.26 0.60
N ILE C 118 -10.77 -10.44 1.92
CA ILE C 118 -9.58 -10.43 2.77
C ILE C 118 -9.94 -11.41 3.85
N HIS C 119 -8.98 -11.81 4.70
CA HIS C 119 -9.26 -12.70 5.83
C HIS C 119 -10.42 -12.13 6.65
N GLY C 120 -11.46 -12.95 6.78
CA GLY C 120 -12.62 -12.63 7.60
C GLY C 120 -13.74 -11.84 6.96
N VAL C 121 -13.62 -11.47 5.68
CA VAL C 121 -14.65 -10.67 5.01
C VAL C 121 -15.25 -11.54 3.88
N THR C 122 -16.27 -12.35 4.19
CA THR C 122 -16.82 -13.24 3.15
C THR C 122 -17.80 -12.48 2.27
N ARG C 123 -17.64 -12.65 0.96
CA ARG C 123 -18.41 -11.95 -0.06
C ARG C 123 -19.39 -12.83 -0.82
N ASN C 124 -19.12 -14.14 -0.94
CA ASN C 124 -19.96 -15.09 -1.68
C ASN C 124 -20.00 -16.42 -0.97
N TRP C 125 -21.14 -17.08 -1.06
CA TRP C 125 -21.44 -18.37 -0.45
C TRP C 125 -21.84 -19.38 -1.50
N GLY C 126 -21.46 -20.64 -1.31
CA GLY C 126 -21.91 -21.71 -2.19
C GLY C 126 -23.31 -22.15 -1.78
N GLN C 127 -23.78 -23.28 -2.32
CA GLN C 127 -25.15 -23.83 -2.04
C GLN C 127 -25.16 -24.72 -0.83
N GLY C 128 -23.99 -25.20 -0.45
CA GLY C 128 -23.86 -26.09 0.68
C GLY C 128 -23.93 -27.58 0.31
N THR C 129 -23.36 -28.39 1.16
CA THR C 129 -23.38 -29.86 1.05
C THR C 129 -23.67 -30.39 2.43
N LEU C 130 -24.66 -31.29 2.54
CA LEU C 130 -25.06 -31.81 3.85
C LEU C 130 -24.18 -32.99 4.29
N VAL C 131 -23.61 -32.90 5.47
CA VAL C 131 -22.80 -33.94 6.06
C VAL C 131 -23.58 -34.44 7.28
N THR C 132 -23.89 -35.77 7.35
CA THR C 132 -24.63 -36.36 8.47
C THR C 132 -23.70 -37.37 9.14
N VAL C 133 -23.44 -37.18 10.43
CA VAL C 133 -22.59 -38.09 11.18
C VAL C 133 -23.50 -38.89 12.11
N SER C 134 -23.63 -40.18 11.82
CA SER C 134 -24.56 -41.04 12.56
C SER C 134 -24.18 -42.49 12.38
N SER C 135 -24.54 -43.32 13.38
CA SER C 135 -24.32 -44.77 13.35
C SER C 135 -25.51 -45.49 12.63
N ALA C 136 -26.60 -44.74 12.31
CA ALA C 136 -27.77 -45.26 11.55
C ALA C 136 -27.33 -45.57 10.10
N SER C 137 -27.96 -46.56 9.46
CA SER C 137 -27.60 -46.98 8.13
C SER C 137 -28.39 -46.23 7.04
N THR C 138 -27.78 -46.05 5.88
CA THR C 138 -28.46 -45.48 4.71
C THR C 138 -29.72 -46.33 4.43
N LYS C 139 -30.76 -45.65 3.99
CA LYS C 139 -31.99 -46.29 3.58
C LYS C 139 -32.51 -45.46 2.42
N GLY C 140 -32.71 -46.09 1.28
CA GLY C 140 -33.25 -45.41 0.11
C GLY C 140 -34.76 -45.26 0.29
N PRO C 141 -35.41 -44.29 -0.37
CA PRO C 141 -36.86 -44.14 -0.17
C PRO C 141 -37.78 -45.11 -0.89
N SER C 142 -38.97 -45.32 -0.32
CA SER C 142 -40.02 -46.07 -1.02
C SER C 142 -40.90 -44.94 -1.55
N VAL C 143 -41.14 -44.91 -2.86
CA VAL C 143 -41.91 -43.80 -3.47
C VAL C 143 -43.28 -44.31 -3.86
N PHE C 144 -44.33 -43.63 -3.36
CA PHE C 144 -45.69 -44.04 -3.63
C PHE C 144 -46.44 -42.94 -4.32
N PRO C 145 -47.29 -43.27 -5.30
CA PRO C 145 -48.06 -42.21 -5.94
C PRO C 145 -49.19 -41.73 -5.04
N LEU C 146 -49.50 -40.42 -5.11
CA LEU C 146 -50.65 -39.87 -4.40
C LEU C 146 -51.57 -39.46 -5.53
N ALA C 147 -52.43 -40.40 -5.92
CA ALA C 147 -53.31 -40.25 -7.08
C ALA C 147 -54.35 -39.16 -6.95
N PRO C 148 -54.59 -38.39 -8.03
CA PRO C 148 -55.71 -37.45 -7.97
C PRO C 148 -57.03 -38.28 -7.99
N SER C 149 -58.06 -37.73 -7.38
CA SER C 149 -59.39 -38.35 -7.38
C SER C 149 -60.35 -37.20 -7.24
N SER C 150 -61.66 -37.45 -7.19
CA SER C 150 -62.66 -36.37 -6.98
C SER C 150 -62.47 -35.65 -5.62
N LYS C 151 -61.77 -36.29 -4.68
CA LYS C 151 -61.48 -35.73 -3.36
C LYS C 151 -60.22 -34.87 -3.35
N SER C 152 -59.45 -34.85 -4.44
CA SER C 152 -58.28 -33.98 -4.53
C SER C 152 -58.50 -32.89 -5.59
N THR C 153 -59.74 -32.84 -6.20
CA THR C 153 -60.03 -31.84 -7.26
C THR C 153 -60.62 -30.58 -6.66
N SER C 154 -60.27 -29.46 -7.28
CA SER C 154 -60.76 -28.13 -6.95
C SER C 154 -61.22 -27.51 -8.24
N GLY C 155 -62.27 -28.09 -8.81
CA GLY C 155 -62.92 -27.62 -10.03
C GLY C 155 -61.98 -27.80 -11.20
N GLY C 156 -61.47 -26.67 -11.70
CA GLY C 156 -60.53 -26.63 -12.81
C GLY C 156 -59.13 -27.15 -12.54
N THR C 157 -58.76 -27.28 -11.25
CA THR C 157 -57.42 -27.73 -10.86
C THR C 157 -57.57 -29.01 -10.02
N ALA C 158 -56.53 -29.88 -10.06
CA ALA C 158 -56.49 -31.10 -9.30
C ALA C 158 -55.12 -31.26 -8.73
N ALA C 159 -55.03 -31.78 -7.49
CA ALA C 159 -53.74 -32.01 -6.84
C ALA C 159 -53.39 -33.49 -6.95
N LEU C 160 -52.15 -33.73 -7.28
CA LEU C 160 -51.62 -35.10 -7.32
C LEU C 160 -50.23 -35.03 -6.72
N GLY C 161 -49.69 -36.14 -6.29
CA GLY C 161 -48.37 -36.08 -5.71
C GLY C 161 -47.63 -37.38 -5.60
N CYS C 162 -46.54 -37.30 -4.83
CA CYS C 162 -45.66 -38.42 -4.49
C CYS C 162 -45.29 -38.38 -3.06
N LEU C 163 -45.44 -39.54 -2.40
CA LEU C 163 -45.01 -39.76 -1.02
C LEU C 163 -43.63 -40.43 -1.08
N VAL C 164 -42.63 -39.83 -0.43
CA VAL C 164 -41.23 -40.28 -0.42
C VAL C 164 -41.00 -40.74 0.98
N LYS C 165 -41.24 -42.03 1.20
CA LYS C 165 -41.29 -42.61 2.53
C LYS C 165 -40.00 -43.24 3.04
N ASP C 166 -39.67 -42.96 4.32
CA ASP C 166 -38.63 -43.66 5.08
C ASP C 166 -37.24 -43.74 4.45
N TYR C 167 -36.56 -42.60 4.35
CA TYR C 167 -35.21 -42.55 3.83
C TYR C 167 -34.26 -41.97 4.83
N PHE C 168 -32.96 -42.22 4.60
CA PHE C 168 -31.93 -41.75 5.49
C PHE C 168 -30.60 -41.85 4.79
N PRO C 169 -29.73 -40.81 4.90
CA PRO C 169 -29.96 -39.50 5.53
C PRO C 169 -30.71 -38.56 4.57
N GLN C 170 -30.86 -37.31 4.96
CA GLN C 170 -31.30 -36.27 4.03
C GLN C 170 -30.10 -35.99 3.09
N PRO C 171 -30.29 -35.33 1.93
CA PRO C 171 -31.55 -34.82 1.38
C PRO C 171 -32.10 -35.66 0.22
N VAL C 172 -33.34 -35.38 -0.11
CA VAL C 172 -33.95 -35.86 -1.33
C VAL C 172 -34.35 -34.62 -2.13
N THR C 173 -34.32 -34.74 -3.41
CA THR C 173 -34.81 -33.71 -4.30
C THR C 173 -35.91 -34.31 -5.16
N VAL C 174 -36.94 -33.50 -5.51
CA VAL C 174 -38.04 -33.94 -6.32
C VAL C 174 -38.25 -32.97 -7.45
N SER C 175 -38.40 -33.48 -8.67
CA SER C 175 -38.82 -32.68 -9.80
C SER C 175 -40.03 -33.41 -10.42
N TRP C 176 -40.72 -32.75 -11.36
CA TRP C 176 -41.86 -33.36 -12.01
C TRP C 176 -41.63 -33.30 -13.50
N ASN C 177 -41.85 -34.43 -14.18
CA ASN C 177 -41.66 -34.59 -15.62
C ASN C 177 -40.29 -34.12 -16.08
N SER C 178 -39.23 -34.52 -15.33
CA SER C 178 -37.81 -34.19 -15.57
C SER C 178 -37.52 -32.68 -15.59
N GLY C 179 -38.29 -31.92 -14.82
CA GLY C 179 -38.12 -30.47 -14.72
C GLY C 179 -38.94 -29.67 -15.72
N ALA C 180 -39.68 -30.34 -16.63
CA ALA C 180 -40.54 -29.64 -17.59
C ALA C 180 -41.79 -29.07 -16.87
N LEU C 181 -42.17 -29.66 -15.72
CA LEU C 181 -43.31 -29.17 -14.92
C LEU C 181 -42.81 -28.49 -13.64
N THR C 182 -42.93 -27.18 -13.55
CA THR C 182 -42.44 -26.44 -12.37
C THR C 182 -43.53 -25.60 -11.75
N SER C 183 -44.48 -25.16 -12.57
CA SER C 183 -45.60 -24.33 -12.11
C SER C 183 -46.53 -25.22 -11.29
N GLY C 184 -46.96 -24.72 -10.14
CA GLY C 184 -47.88 -25.46 -9.26
C GLY C 184 -47.25 -26.57 -8.42
N VAL C 185 -45.89 -26.67 -8.39
CA VAL C 185 -45.19 -27.69 -7.62
C VAL C 185 -44.94 -27.21 -6.18
N HIS C 186 -45.26 -28.05 -5.19
CA HIS C 186 -45.01 -27.76 -3.78
C HIS C 186 -44.43 -29.00 -3.13
N THR C 187 -43.13 -28.98 -2.89
CA THR C 187 -42.41 -30.05 -2.22
C THR C 187 -42.32 -29.63 -0.78
N PHE C 188 -42.84 -30.46 0.12
CA PHE C 188 -42.90 -30.09 1.52
C PHE C 188 -41.64 -30.50 2.26
N PRO C 189 -41.25 -29.71 3.29
CA PRO C 189 -40.13 -30.13 4.17
C PRO C 189 -40.41 -31.51 4.75
N ALA C 190 -39.36 -32.30 4.92
CA ALA C 190 -39.43 -33.65 5.43
C ALA C 190 -39.86 -33.70 6.89
N VAL C 191 -40.46 -34.81 7.29
CA VAL C 191 -40.75 -35.07 8.68
C VAL C 191 -39.60 -35.98 9.16
N LEU C 192 -39.05 -35.73 10.36
CA LEU C 192 -38.05 -36.60 10.98
C LEU C 192 -38.84 -37.45 11.94
N GLN C 193 -38.98 -38.73 11.63
CA GLN C 193 -39.77 -39.66 12.42
C GLN C 193 -39.00 -40.07 13.69
N SER C 194 -39.71 -40.60 14.72
CA SER C 194 -39.03 -41.06 15.94
C SER C 194 -38.13 -42.27 15.62
N SER C 195 -38.33 -42.90 14.45
CA SER C 195 -37.51 -44.01 13.98
C SER C 195 -36.10 -43.50 13.52
N GLY C 196 -35.96 -42.18 13.33
CA GLY C 196 -34.75 -41.57 12.82
C GLY C 196 -34.78 -41.48 11.29
N LEU C 197 -35.87 -41.96 10.69
CA LEU C 197 -36.05 -41.89 9.24
C LEU C 197 -36.83 -40.68 8.85
N TYR C 198 -36.63 -40.24 7.60
CA TYR C 198 -37.33 -39.08 7.06
C TYR C 198 -38.40 -39.51 6.07
N SER C 199 -39.44 -38.69 5.93
CA SER C 199 -40.45 -38.87 4.88
C SER C 199 -40.82 -37.49 4.37
N LEU C 200 -41.13 -37.35 3.07
CA LEU C 200 -41.63 -36.08 2.56
C LEU C 200 -42.65 -36.32 1.49
N SER C 201 -43.36 -35.29 1.10
CA SER C 201 -44.32 -35.35 0.00
C SER C 201 -44.09 -34.18 -0.90
N SER C 202 -44.39 -34.39 -2.17
CA SER C 202 -44.37 -33.36 -3.17
C SER C 202 -45.69 -33.43 -3.87
N VAL C 203 -46.35 -32.27 -4.01
CA VAL C 203 -47.63 -32.18 -4.73
C VAL C 203 -47.57 -31.19 -5.88
N VAL C 204 -48.32 -31.48 -6.94
CA VAL C 204 -48.44 -30.56 -8.05
C VAL C 204 -49.91 -30.36 -8.36
N THR C 205 -50.29 -29.09 -8.58
CA THR C 205 -51.65 -28.74 -8.96
C THR C 205 -51.64 -28.56 -10.45
N VAL C 206 -52.50 -29.29 -11.14
CA VAL C 206 -52.55 -29.37 -12.60
C VAL C 206 -53.97 -29.11 -13.09
N PRO C 207 -54.17 -28.77 -14.39
CA PRO C 207 -55.55 -28.69 -14.89
C PRO C 207 -56.30 -30.03 -14.77
N SER C 208 -57.56 -30.00 -14.27
CA SER C 208 -58.33 -31.25 -14.12
C SER C 208 -58.63 -31.92 -15.47
N SER C 209 -58.66 -31.15 -16.56
CA SER C 209 -58.89 -31.63 -17.93
C SER C 209 -57.69 -32.38 -18.51
N SER C 210 -56.51 -32.24 -17.90
CA SER C 210 -55.26 -32.86 -18.35
C SER C 210 -55.09 -34.27 -17.76
N LEU C 211 -55.91 -34.64 -16.74
CA LEU C 211 -55.82 -35.95 -16.08
C LEU C 211 -56.20 -37.07 -17.06
N GLY C 212 -55.38 -38.10 -17.14
CA GLY C 212 -55.64 -39.20 -18.07
C GLY C 212 -55.44 -38.83 -19.53
N THR C 213 -54.66 -37.77 -19.78
CA THR C 213 -54.25 -37.24 -21.08
C THR C 213 -52.75 -36.90 -20.97
N GLN C 214 -52.35 -36.19 -19.88
CA GLN C 214 -50.96 -35.83 -19.65
C GLN C 214 -50.37 -36.80 -18.65
N THR C 215 -49.18 -37.25 -18.93
CA THR C 215 -48.45 -38.13 -18.01
C THR C 215 -47.77 -37.27 -16.99
N TYR C 216 -47.90 -37.68 -15.71
CA TYR C 216 -47.26 -36.98 -14.61
C TYR C 216 -46.36 -37.94 -13.90
N ILE C 217 -45.09 -37.59 -13.83
CA ILE C 217 -44.07 -38.40 -13.20
C ILE C 217 -43.28 -37.57 -12.21
N CYS C 218 -43.14 -38.09 -10.97
CA CYS C 218 -42.27 -37.42 -10.02
C CYS C 218 -40.91 -38.12 -10.07
N ASN C 219 -39.87 -37.31 -10.15
CA ASN C 219 -38.46 -37.73 -10.22
C ASN C 219 -37.84 -37.48 -8.86
N VAL C 220 -37.60 -38.55 -8.12
CA VAL C 220 -37.05 -38.47 -6.76
C VAL C 220 -35.59 -38.87 -6.80
N ASN C 221 -34.71 -38.01 -6.29
CA ASN C 221 -33.28 -38.35 -6.24
C ASN C 221 -32.85 -38.41 -4.81
N HIS C 222 -32.28 -39.54 -4.40
CA HIS C 222 -31.69 -39.68 -3.05
C HIS C 222 -30.21 -40.08 -3.30
N LYS C 223 -29.33 -39.08 -3.52
CA LYS C 223 -27.89 -39.26 -3.78
C LYS C 223 -27.23 -40.11 -2.69
N PRO C 224 -27.55 -39.94 -1.38
CA PRO C 224 -26.91 -40.78 -0.35
C PRO C 224 -27.03 -42.30 -0.56
N SER C 225 -28.11 -42.78 -1.23
CA SER C 225 -28.27 -44.23 -1.47
C SER C 225 -28.08 -44.54 -2.93
N ASN C 226 -27.58 -43.57 -3.74
CA ASN C 226 -27.41 -43.71 -5.18
C ASN C 226 -28.68 -44.28 -5.84
N THR C 227 -29.84 -43.79 -5.38
CA THR C 227 -31.13 -44.18 -5.89
C THR C 227 -31.83 -43.00 -6.53
N LYS C 228 -32.45 -43.30 -7.67
CA LYS C 228 -33.30 -42.37 -8.40
C LYS C 228 -34.59 -43.11 -8.75
N VAL C 229 -35.75 -42.52 -8.39
CA VAL C 229 -37.04 -43.15 -8.67
C VAL C 229 -37.91 -42.20 -9.49
N ASP C 230 -38.41 -42.68 -10.64
CA ASP C 230 -39.36 -41.90 -11.47
C ASP C 230 -40.69 -42.59 -11.35
N LYS C 231 -41.59 -42.05 -10.51
CA LYS C 231 -42.88 -42.68 -10.26
C LYS C 231 -44.00 -42.04 -11.08
N LYS C 232 -44.68 -42.86 -11.88
CA LYS C 232 -45.83 -42.39 -12.67
C LYS C 232 -47.04 -42.28 -11.74
N VAL C 233 -47.70 -41.11 -11.76
CA VAL C 233 -48.85 -40.82 -10.93
C VAL C 233 -50.07 -40.71 -11.81
N GLU C 234 -51.01 -41.61 -11.63
CA GLU C 234 -52.19 -41.59 -12.49
C GLU C 234 -53.50 -41.71 -11.72
N PRO C 235 -54.64 -41.21 -12.28
CA PRO C 235 -55.92 -41.33 -11.57
C PRO C 235 -56.29 -42.79 -11.31
N LYS C 236 -56.95 -43.05 -10.18
CA LYS C 236 -57.29 -44.43 -9.85
C LYS C 236 -58.72 -44.77 -10.27
N SER C 237 -58.89 -46.00 -10.81
CA SER C 237 -60.17 -46.51 -11.30
C SER C 237 -60.27 -48.04 -11.15
N ASN D 1 -9.83 -15.55 21.56
CA ASN D 1 -11.19 -15.75 21.04
C ASN D 1 -12.16 -14.68 21.53
N PHE D 2 -13.29 -14.53 20.84
CA PHE D 2 -14.32 -13.54 21.17
C PHE D 2 -15.70 -14.01 20.73
N MET D 3 -16.74 -13.36 21.26
CA MET D 3 -18.12 -13.64 20.87
C MET D 3 -18.74 -12.38 20.32
N LEU D 4 -19.83 -12.57 19.56
CA LEU D 4 -20.67 -11.56 18.97
C LEU D 4 -22.08 -11.83 19.46
N THR D 5 -22.68 -10.89 20.18
CA THR D 5 -24.03 -11.07 20.71
C THR D 5 -25.01 -10.25 19.91
N GLN D 6 -26.07 -10.89 19.43
CA GLN D 6 -27.16 -10.26 18.67
C GLN D 6 -28.48 -10.56 19.39
N PRO D 7 -29.55 -9.72 19.26
CA PRO D 7 -30.84 -10.12 19.84
C PRO D 7 -31.43 -11.37 19.14
N HIS D 8 -32.07 -12.25 19.93
CA HIS D 8 -32.68 -13.46 19.38
C HIS D 8 -33.72 -13.12 18.31
N SER D 9 -34.48 -12.04 18.52
CA SER D 9 -35.48 -11.61 17.56
C SER D 9 -35.72 -10.12 17.62
N VAL D 10 -36.11 -9.54 16.49
CA VAL D 10 -36.44 -8.13 16.35
C VAL D 10 -37.77 -8.06 15.58
N SER D 11 -38.60 -7.05 15.87
CA SER D 11 -39.92 -6.90 15.28
C SER D 11 -40.26 -5.45 15.04
N GLU D 12 -40.95 -5.18 13.92
CA GLU D 12 -41.42 -3.86 13.53
C GLU D 12 -42.51 -3.99 12.48
N SER D 13 -43.33 -2.94 12.34
CA SER D 13 -44.43 -2.86 11.38
C SER D 13 -43.91 -2.38 10.02
N PRO D 14 -44.59 -2.68 8.89
CA PRO D 14 -44.08 -2.21 7.58
C PRO D 14 -43.93 -0.70 7.47
N GLY D 15 -42.93 -0.30 6.68
CA GLY D 15 -42.59 1.10 6.46
C GLY D 15 -41.74 1.73 7.55
N LYS D 16 -41.58 1.03 8.69
CA LYS D 16 -40.80 1.52 9.83
C LYS D 16 -39.28 1.20 9.73
N THR D 17 -38.48 1.78 10.65
CA THR D 17 -37.04 1.59 10.71
C THR D 17 -36.70 0.59 11.80
N VAL D 18 -35.95 -0.46 11.46
CA VAL D 18 -35.52 -1.50 12.40
C VAL D 18 -34.00 -1.53 12.49
N THR D 19 -33.48 -1.70 13.71
CA THR D 19 -32.03 -1.78 13.95
C THR D 19 -31.71 -3.10 14.65
N ILE D 20 -30.70 -3.83 14.11
CA ILE D 20 -30.21 -5.09 14.66
C ILE D 20 -28.77 -4.82 15.09
N SER D 21 -28.49 -5.00 16.40
CA SER D 21 -27.16 -4.74 16.94
C SER D 21 -26.33 -6.01 17.10
N CYS D 22 -25.03 -5.85 17.15
CA CYS D 22 -24.08 -6.93 17.23
C CYS D 22 -22.92 -6.46 18.11
N THR D 23 -22.81 -6.99 19.34
CA THR D 23 -21.81 -6.57 20.33
C THR D 23 -20.66 -7.56 20.46
N ARG D 24 -19.44 -7.05 20.31
CA ARG D 24 -18.21 -7.81 20.40
C ARG D 24 -17.74 -7.85 21.87
N SER D 25 -17.48 -9.06 22.41
CA SER D 25 -17.09 -9.29 23.81
C SER D 25 -15.67 -8.86 24.17
N SER D 26 -14.71 -9.08 23.28
CA SER D 26 -13.30 -8.74 23.51
C SER D 26 -12.66 -8.34 22.19
N GLY D 27 -11.69 -7.44 22.27
CA GLY D 27 -11.04 -6.89 21.08
C GLY D 27 -11.85 -5.71 20.58
N SER D 28 -11.15 -4.72 19.99
CA SER D 28 -11.79 -3.50 19.51
C SER D 28 -12.54 -3.77 18.19
N LEU D 29 -13.85 -3.47 18.16
CA LEU D 29 -14.72 -3.68 17.00
C LEU D 29 -14.23 -2.93 15.76
N ALA D 30 -13.76 -1.70 15.97
CA ALA D 30 -13.25 -0.81 14.92
C ALA D 30 -11.95 -1.27 14.27
N ASN D 31 -11.28 -2.30 14.82
CA ASN D 31 -10.03 -2.78 14.22
C ASN D 31 -10.28 -3.81 13.10
N TYR D 32 -11.52 -4.32 12.99
CA TYR D 32 -11.88 -5.39 12.05
C TYR D 32 -13.23 -5.14 11.43
N TYR D 33 -13.31 -5.29 10.11
CA TYR D 33 -14.55 -5.11 9.34
C TYR D 33 -15.68 -6.04 9.77
N VAL D 34 -16.91 -5.51 9.76
CA VAL D 34 -18.14 -6.21 10.12
C VAL D 34 -19.00 -6.45 8.88
N GLN D 35 -19.44 -7.70 8.70
CA GLN D 35 -20.30 -8.13 7.60
C GLN D 35 -21.66 -8.51 8.15
N TRP D 36 -22.71 -8.36 7.34
CA TRP D 36 -24.08 -8.76 7.68
C TRP D 36 -24.63 -9.62 6.57
N TYR D 37 -25.20 -10.77 6.95
CA TYR D 37 -25.81 -11.71 6.01
C TYR D 37 -27.29 -11.91 6.29
N GLN D 38 -28.05 -12.08 5.23
CA GLN D 38 -29.47 -12.41 5.30
C GLN D 38 -29.60 -13.90 4.91
N GLN D 39 -30.42 -14.63 5.65
CA GLN D 39 -30.69 -16.01 5.31
C GLN D 39 -32.19 -16.27 5.32
N ARG D 40 -32.72 -16.63 4.16
CA ARG D 40 -34.14 -16.94 3.96
C ARG D 40 -34.33 -18.44 4.22
N PRO D 41 -35.57 -18.89 4.52
CA PRO D 41 -35.78 -20.33 4.79
C PRO D 41 -35.34 -21.26 3.65
N GLY D 42 -34.54 -22.27 3.99
CA GLY D 42 -33.99 -23.25 3.04
C GLY D 42 -32.99 -22.71 2.02
N SER D 43 -32.45 -21.51 2.26
CA SER D 43 -31.50 -20.90 1.33
C SER D 43 -30.11 -20.67 1.92
N SER D 44 -29.13 -20.43 1.03
CA SER D 44 -27.78 -20.07 1.41
C SER D 44 -27.83 -18.63 1.94
N PRO D 45 -26.90 -18.21 2.84
CA PRO D 45 -26.88 -16.80 3.24
C PRO D 45 -26.46 -15.93 2.04
N THR D 46 -26.91 -14.69 2.04
CA THR D 46 -26.52 -13.71 1.01
C THR D 46 -25.95 -12.50 1.75
N ILE D 47 -25.03 -11.79 1.12
CA ILE D 47 -24.47 -10.65 1.84
C ILE D 47 -25.38 -9.41 1.66
N VAL D 48 -25.60 -8.72 2.78
CA VAL D 48 -26.41 -7.50 2.83
C VAL D 48 -25.42 -6.32 2.91
N ILE D 49 -24.44 -6.44 3.82
CA ILE D 49 -23.43 -5.42 4.06
C ILE D 49 -22.07 -6.11 4.24
N PHE D 50 -20.99 -5.52 3.69
CA PHE D 50 -19.62 -5.99 3.92
C PHE D 50 -18.77 -4.77 4.24
N ALA D 51 -17.63 -4.99 4.90
CA ALA D 51 -16.70 -3.93 5.26
C ALA D 51 -17.42 -2.76 6.00
N ASN D 52 -18.20 -3.09 7.05
CA ASN D 52 -18.97 -2.18 7.92
C ASN D 52 -20.21 -1.58 7.28
N ASN D 53 -20.10 -1.00 6.07
CA ASN D 53 -21.20 -0.25 5.48
C ASN D 53 -21.32 -0.34 3.96
N GLN D 54 -20.60 -1.25 3.32
CA GLN D 54 -20.62 -1.39 1.86
C GLN D 54 -21.77 -2.26 1.46
N ARG D 55 -22.55 -1.75 0.54
CA ARG D 55 -23.75 -2.40 0.05
C ARG D 55 -23.52 -2.90 -1.38
N PRO D 56 -23.53 -4.23 -1.60
CA PRO D 56 -23.37 -4.72 -2.99
C PRO D 56 -24.56 -4.33 -3.88
N SER D 57 -24.35 -4.35 -5.21
CA SER D 57 -25.43 -4.05 -6.16
C SER D 57 -26.44 -5.19 -6.06
N GLY D 58 -27.71 -4.84 -6.08
CA GLY D 58 -28.79 -5.82 -5.91
C GLY D 58 -29.38 -5.77 -4.52
N VAL D 59 -28.66 -5.16 -3.55
CA VAL D 59 -29.14 -4.99 -2.17
C VAL D 59 -29.86 -3.65 -2.09
N PRO D 60 -31.15 -3.61 -1.67
CA PRO D 60 -31.87 -2.33 -1.59
C PRO D 60 -31.18 -1.28 -0.73
N ASP D 61 -31.29 -0.01 -1.14
CA ASP D 61 -30.77 1.20 -0.49
C ASP D 61 -31.27 1.35 0.98
N ARG D 62 -32.35 0.63 1.32
CA ARG D 62 -33.01 0.57 2.63
C ARG D 62 -32.10 -0.08 3.70
N PHE D 63 -31.17 -0.94 3.27
CA PHE D 63 -30.21 -1.62 4.17
C PHE D 63 -28.96 -0.77 4.34
N SER D 64 -28.54 -0.56 5.58
CA SER D 64 -27.29 0.16 5.86
C SER D 64 -26.60 -0.37 7.10
N GLY D 65 -25.28 -0.27 7.11
CA GLY D 65 -24.44 -0.74 8.22
C GLY D 65 -23.73 0.41 8.88
N SER D 66 -23.49 0.28 10.19
CA SER D 66 -22.76 1.27 10.97
C SER D 66 -22.05 0.57 12.13
N ILE D 67 -21.09 1.27 12.72
CA ILE D 67 -20.32 0.78 13.86
C ILE D 67 -20.28 1.86 14.94
N ASP D 68 -20.26 1.42 16.20
CA ASP D 68 -20.19 2.26 17.39
C ASP D 68 -19.06 1.76 18.30
N SER D 69 -17.88 2.41 18.20
CA SER D 69 -16.69 2.04 18.97
C SER D 69 -16.87 2.18 20.50
N SER D 70 -17.66 3.19 20.93
CA SER D 70 -17.96 3.46 22.34
C SER D 70 -18.67 2.27 23.03
N SER D 71 -19.58 1.60 22.30
CA SER D 71 -20.31 0.44 22.80
C SER D 71 -19.73 -0.89 22.30
N ASN D 72 -18.72 -0.83 21.39
CA ASN D 72 -18.07 -1.99 20.75
C ASN D 72 -19.09 -2.86 20.00
N SER D 73 -20.00 -2.20 19.28
CA SER D 73 -21.07 -2.88 18.55
C SER D 73 -21.29 -2.33 17.16
N ALA D 74 -21.80 -3.19 16.27
CA ALA D 74 -22.13 -2.82 14.90
C ALA D 74 -23.64 -2.94 14.74
N SER D 75 -24.21 -2.21 13.79
CA SER D 75 -25.64 -2.24 13.56
C SER D 75 -26.04 -2.36 12.12
N LEU D 76 -27.11 -3.12 11.89
CA LEU D 76 -27.74 -3.25 10.59
C LEU D 76 -29.08 -2.54 10.73
N THR D 77 -29.30 -1.52 9.91
CA THR D 77 -30.52 -0.77 9.93
C THR D 77 -31.24 -0.98 8.63
N ILE D 78 -32.55 -1.20 8.73
CA ILE D 78 -33.46 -1.38 7.62
C ILE D 78 -34.51 -0.29 7.75
N SER D 79 -34.51 0.69 6.82
CA SER D 79 -35.48 1.80 6.77
C SER D 79 -36.55 1.45 5.72
N GLY D 80 -37.81 1.78 6.01
CA GLY D 80 -38.94 1.46 5.12
C GLY D 80 -39.15 -0.04 5.02
N LEU D 81 -39.14 -0.71 6.18
CA LEU D 81 -39.31 -2.16 6.29
C LEU D 81 -40.39 -2.73 5.38
N LYS D 82 -40.05 -3.79 4.64
CA LYS D 82 -40.97 -4.51 3.74
C LYS D 82 -41.17 -5.91 4.26
N THR D 83 -42.34 -6.52 3.95
CA THR D 83 -42.65 -7.91 4.34
C THR D 83 -41.57 -8.89 3.81
N GLU D 84 -41.04 -8.64 2.60
CA GLU D 84 -39.98 -9.47 2.01
C GLU D 84 -38.65 -9.45 2.81
N ASP D 85 -38.53 -8.56 3.85
CA ASP D 85 -37.33 -8.47 4.71
C ASP D 85 -37.35 -9.48 5.84
N GLU D 86 -38.45 -10.22 6.00
CA GLU D 86 -38.52 -11.30 6.99
C GLU D 86 -37.48 -12.34 6.59
N ALA D 87 -36.56 -12.65 7.54
CA ALA D 87 -35.45 -13.57 7.35
C ALA D 87 -34.63 -13.61 8.62
N ASP D 88 -33.56 -14.43 8.65
CA ASP D 88 -32.59 -14.41 9.74
C ASP D 88 -31.41 -13.54 9.30
N TYR D 89 -30.84 -12.76 10.23
CA TYR D 89 -29.71 -11.88 9.93
C TYR D 89 -28.56 -12.21 10.84
N TYR D 90 -27.34 -12.33 10.27
CA TYR D 90 -26.17 -12.68 11.07
C TYR D 90 -25.09 -11.63 10.88
N CYS D 91 -24.46 -11.22 11.97
CA CYS D 91 -23.30 -10.33 11.87
C CYS D 91 -22.09 -11.23 11.90
N GLN D 92 -20.98 -10.76 11.36
CA GLN D 92 -19.75 -11.52 11.32
C GLN D 92 -18.54 -10.58 11.34
N THR D 93 -17.48 -10.93 12.10
CA THR D 93 -16.25 -10.18 12.11
C THR D 93 -15.15 -11.19 12.38
N TYR D 94 -13.96 -10.71 12.69
CA TYR D 94 -12.80 -11.57 12.83
C TYR D 94 -11.77 -10.92 13.74
N ASP D 95 -10.65 -11.63 13.93
CA ASP D 95 -9.47 -11.16 14.60
C ASP D 95 -8.30 -11.70 13.74
N PRO D 96 -7.00 -11.52 14.08
CA PRO D 96 -5.94 -12.05 13.20
C PRO D 96 -5.88 -13.58 13.02
N TYR D 97 -6.70 -14.32 13.74
N TYR D 97 -6.59 -14.35 13.90
CA TYR D 97 -6.69 -15.76 13.49
CA TYR D 97 -6.55 -15.83 14.00
C TYR D 97 -8.07 -16.26 13.15
C TYR D 97 -7.86 -16.61 13.76
N SER D 98 -9.03 -15.96 14.02
CA SER D 98 -10.39 -16.48 13.96
C SER D 98 -11.35 -15.64 13.16
N VAL D 99 -12.46 -16.26 12.77
CA VAL D 99 -13.60 -15.63 12.12
C VAL D 99 -14.80 -16.05 12.99
N VAL D 100 -15.66 -15.11 13.37
CA VAL D 100 -16.80 -15.38 14.27
C VAL D 100 -18.12 -14.84 13.68
N PHE D 101 -19.19 -15.64 13.78
CA PHE D 101 -20.55 -15.19 13.42
C PHE D 101 -21.32 -14.94 14.69
N GLY D 102 -22.23 -13.97 14.66
CA GLY D 102 -23.15 -13.76 15.77
C GLY D 102 -24.15 -14.91 15.75
N GLY D 103 -24.93 -15.04 16.83
CA GLY D 103 -25.95 -16.08 16.96
C GLY D 103 -27.13 -16.00 16.01
N GLY D 104 -27.30 -14.85 15.36
CA GLY D 104 -28.40 -14.61 14.42
C GLY D 104 -29.61 -13.97 15.05
N THR D 105 -30.35 -13.18 14.26
CA THR D 105 -31.56 -12.47 14.69
C THR D 105 -32.68 -12.80 13.75
N LYS D 106 -33.79 -13.32 14.28
CA LYS D 106 -34.95 -13.56 13.44
C LYS D 106 -35.75 -12.25 13.33
N LEU D 107 -35.90 -11.72 12.11
CA LEU D 107 -36.66 -10.49 11.88
C LEU D 107 -38.11 -10.82 11.50
N THR D 108 -39.08 -10.30 12.30
CA THR D 108 -40.52 -10.47 12.11
C THR D 108 -41.12 -9.15 11.70
N VAL D 109 -41.82 -9.13 10.56
CA VAL D 109 -42.51 -7.94 10.06
C VAL D 109 -43.93 -8.09 10.60
N LEU D 110 -44.34 -7.16 11.47
CA LEU D 110 -45.64 -7.22 12.13
C LEU D 110 -46.80 -6.81 11.21
N GLY D 111 -48.03 -7.09 11.66
CA GLY D 111 -49.26 -6.70 11.00
C GLY D 111 -49.61 -7.40 9.71
N GLN D 112 -49.03 -8.59 9.47
CA GLN D 112 -49.31 -9.38 8.27
C GLN D 112 -50.68 -10.05 8.37
N PRO D 113 -51.46 -10.14 7.26
CA PRO D 113 -52.82 -10.67 7.38
C PRO D 113 -52.88 -12.15 7.70
N LYS D 114 -53.91 -12.52 8.45
CA LYS D 114 -54.21 -13.90 8.80
C LYS D 114 -54.57 -14.61 7.48
N ALA D 115 -54.11 -15.87 7.32
CA ALA D 115 -54.39 -16.63 6.12
C ALA D 115 -54.74 -18.06 6.51
N ALA D 116 -55.89 -18.55 6.03
CA ALA D 116 -56.39 -19.89 6.33
C ALA D 116 -55.60 -20.97 5.57
N PRO D 117 -55.34 -22.14 6.16
CA PRO D 117 -54.60 -23.14 5.42
C PRO D 117 -55.40 -23.84 4.33
N SER D 118 -54.68 -24.25 3.27
CA SER D 118 -55.13 -25.13 2.19
C SER D 118 -54.75 -26.50 2.68
N VAL D 119 -55.73 -27.40 2.79
CA VAL D 119 -55.50 -28.78 3.27
C VAL D 119 -55.85 -29.76 2.17
N THR D 120 -54.93 -30.71 1.90
CA THR D 120 -55.13 -31.83 0.98
C THR D 120 -54.84 -33.10 1.74
N LEU D 121 -55.77 -34.08 1.71
CA LEU D 121 -55.61 -35.37 2.40
C LEU D 121 -55.60 -36.50 1.38
N PHE D 122 -54.55 -37.33 1.42
CA PHE D 122 -54.48 -38.46 0.51
C PHE D 122 -54.63 -39.75 1.30
N PRO D 123 -55.40 -40.72 0.77
CA PRO D 123 -55.52 -42.03 1.43
C PRO D 123 -54.26 -42.89 1.08
N PRO D 124 -54.10 -44.09 1.65
CA PRO D 124 -52.97 -44.94 1.23
C PRO D 124 -53.11 -45.32 -0.24
N SER D 125 -52.00 -45.38 -0.96
CA SER D 125 -52.01 -45.85 -2.34
C SER D 125 -52.24 -47.38 -2.37
N SER D 126 -52.71 -47.91 -3.52
CA SER D 126 -52.87 -49.35 -3.74
C SER D 126 -51.53 -50.06 -3.61
N GLU D 127 -50.47 -49.45 -4.15
CA GLU D 127 -49.09 -49.98 -4.10
C GLU D 127 -48.60 -50.16 -2.66
N GLU D 128 -48.84 -49.17 -1.81
CA GLU D 128 -48.39 -49.27 -0.40
C GLU D 128 -49.19 -50.35 0.36
N LEU D 129 -50.52 -50.38 0.15
CA LEU D 129 -51.38 -51.39 0.78
C LEU D 129 -50.96 -52.80 0.39
N GLN D 130 -50.50 -52.96 -0.84
CA GLN D 130 -50.02 -54.25 -1.33
C GLN D 130 -48.71 -54.64 -0.61
N ALA D 131 -47.90 -53.65 -0.22
CA ALA D 131 -46.65 -53.83 0.52
C ALA D 131 -46.91 -53.97 2.05
N ASN D 132 -48.18 -54.22 2.43
CA ASN D 132 -48.67 -54.40 3.80
C ASN D 132 -48.41 -53.18 4.71
N LYS D 133 -48.53 -51.98 4.14
CA LYS D 133 -48.35 -50.74 4.87
C LYS D 133 -49.48 -49.78 4.50
N ALA D 134 -49.64 -48.69 5.24
CA ALA D 134 -50.69 -47.73 4.94
C ALA D 134 -50.37 -46.40 5.59
N THR D 135 -50.25 -45.35 4.78
CA THR D 135 -49.96 -44.01 5.29
C THR D 135 -51.01 -43.05 4.75
N LEU D 136 -51.62 -42.25 5.64
CA LEU D 136 -52.51 -41.16 5.25
C LEU D 136 -51.62 -39.91 5.29
N VAL D 137 -51.71 -39.07 4.26
CA VAL D 137 -50.88 -37.88 4.11
C VAL D 137 -51.73 -36.64 4.11
N CYS D 138 -51.57 -35.80 5.14
CA CYS D 138 -52.31 -34.56 5.26
C CYS D 138 -51.35 -33.38 5.04
N LEU D 139 -51.50 -32.68 3.92
CA LEU D 139 -50.64 -31.57 3.53
C LEU D 139 -51.33 -30.25 3.76
N ILE D 140 -50.66 -29.37 4.54
CA ILE D 140 -51.20 -28.08 4.99
C ILE D 140 -50.36 -26.90 4.53
N SER D 141 -50.92 -26.02 3.74
CA SER D 141 -50.11 -24.90 3.27
C SER D 141 -50.79 -23.55 3.29
N ASP D 142 -49.95 -22.51 3.11
CA ASP D 142 -50.34 -21.10 3.00
C ASP D 142 -51.10 -20.56 4.18
N PHE D 143 -50.72 -20.95 5.38
CA PHE D 143 -51.41 -20.37 6.56
C PHE D 143 -50.53 -19.32 7.21
N TYR D 144 -51.16 -18.37 7.87
CA TYR D 144 -50.49 -17.31 8.62
C TYR D 144 -51.38 -16.87 9.76
N PRO D 145 -50.90 -16.79 11.03
CA PRO D 145 -49.55 -17.09 11.53
C PRO D 145 -49.20 -18.58 11.53
N GLY D 146 -48.00 -18.90 12.00
CA GLY D 146 -47.45 -20.25 12.00
C GLY D 146 -48.07 -21.31 12.87
N ALA D 147 -48.82 -20.95 13.88
CA ALA D 147 -49.38 -21.96 14.77
C ALA D 147 -50.56 -22.72 14.11
N VAL D 148 -50.54 -24.02 14.22
CA VAL D 148 -51.58 -24.85 13.68
C VAL D 148 -51.78 -26.07 14.56
N THR D 149 -53.04 -26.56 14.67
CA THR D 149 -53.35 -27.77 15.40
C THR D 149 -53.77 -28.80 14.38
N VAL D 150 -53.14 -30.00 14.41
CA VAL D 150 -53.51 -31.09 13.52
C VAL D 150 -54.01 -32.27 14.33
N ALA D 151 -55.24 -32.68 14.11
CA ALA D 151 -55.80 -33.81 14.82
C ALA D 151 -56.27 -34.84 13.80
N TRP D 152 -56.21 -36.13 14.18
CA TRP D 152 -56.67 -37.23 13.34
C TRP D 152 -57.81 -37.94 14.03
N LYS D 153 -58.75 -38.46 13.23
CA LYS D 153 -59.91 -39.22 13.69
C LYS D 153 -60.02 -40.51 12.89
N ALA D 154 -60.37 -41.63 13.56
CA ALA D 154 -60.67 -42.95 12.96
C ALA D 154 -62.16 -42.97 13.22
N ASP D 155 -62.96 -42.84 12.15
CA ASP D 155 -64.41 -42.62 12.17
C ASP D 155 -64.60 -41.26 12.89
N SER D 156 -65.16 -41.27 14.11
CA SER D 156 -65.31 -40.04 14.89
C SER D 156 -64.34 -40.02 16.10
N SER D 157 -63.57 -41.10 16.32
CA SER D 157 -62.68 -41.22 17.46
C SER D 157 -61.30 -40.58 17.26
N PRO D 158 -60.82 -39.76 18.24
CA PRO D 158 -59.47 -39.21 18.12
C PRO D 158 -58.40 -40.30 18.07
N VAL D 159 -57.36 -40.07 17.25
CA VAL D 159 -56.22 -40.98 17.04
C VAL D 159 -54.93 -40.21 17.39
N LYS D 160 -54.08 -40.76 18.27
CA LYS D 160 -52.77 -40.16 18.57
C LYS D 160 -51.61 -41.10 18.16
N ALA D 161 -51.85 -42.44 18.23
CA ALA D 161 -50.86 -43.44 17.86
C ALA D 161 -50.61 -43.43 16.35
N GLY D 162 -49.34 -43.43 15.98
CA GLY D 162 -48.90 -43.48 14.60
C GLY D 162 -48.90 -42.15 13.88
N VAL D 163 -49.09 -41.04 14.60
CA VAL D 163 -49.10 -39.76 13.87
C VAL D 163 -47.75 -39.05 14.03
N GLU D 164 -47.23 -38.54 12.89
CA GLU D 164 -46.00 -37.75 12.81
C GLU D 164 -46.32 -36.45 12.11
N THR D 165 -46.21 -35.32 12.82
CA THR D 165 -46.48 -33.98 12.30
C THR D 165 -45.25 -33.09 12.34
N THR D 166 -45.01 -32.37 11.27
CA THR D 166 -43.89 -31.46 11.23
C THR D 166 -44.22 -30.18 11.99
N THR D 167 -43.18 -29.49 12.43
CA THR D 167 -43.29 -28.14 13.00
C THR D 167 -43.57 -27.26 11.75
N PRO D 168 -44.41 -26.23 11.82
CA PRO D 168 -44.62 -25.40 10.63
C PRO D 168 -43.34 -24.73 10.13
N SER D 169 -43.17 -24.67 8.81
CA SER D 169 -41.96 -24.08 8.22
C SER D 169 -42.34 -22.92 7.37
N LYS D 170 -41.50 -21.90 7.35
CA LYS D 170 -41.77 -20.68 6.59
C LYS D 170 -41.54 -20.87 5.09
N GLN D 171 -42.54 -20.51 4.30
CA GLN D 171 -42.52 -20.54 2.85
C GLN D 171 -41.88 -19.23 2.35
N SER D 172 -41.52 -19.17 1.06
CA SER D 172 -40.93 -17.98 0.45
C SER D 172 -41.88 -16.76 0.43
N ASN D 173 -43.20 -17.00 0.55
CA ASN D 173 -44.22 -15.93 0.57
C ASN D 173 -44.58 -15.47 2.01
N ASN D 174 -43.79 -15.92 3.05
CA ASN D 174 -43.94 -15.60 4.48
C ASN D 174 -45.02 -16.42 5.20
N LYS D 175 -45.84 -17.18 4.44
CA LYS D 175 -46.87 -18.04 5.02
C LYS D 175 -46.16 -19.34 5.37
N TYR D 176 -46.89 -20.29 5.98
CA TYR D 176 -46.30 -21.50 6.51
C TYR D 176 -46.90 -22.76 5.89
N ALA D 177 -46.11 -23.83 5.90
CA ALA D 177 -46.52 -25.16 5.47
C ALA D 177 -46.25 -26.16 6.56
N ALA D 178 -47.03 -27.25 6.58
CA ALA D 178 -46.86 -28.35 7.51
C ALA D 178 -47.41 -29.63 6.90
N SER D 179 -46.93 -30.76 7.38
CA SER D 179 -47.48 -32.03 6.95
C SER D 179 -47.65 -32.95 8.12
N SER D 180 -48.66 -33.80 8.03
CA SER D 180 -48.94 -34.79 9.04
C SER D 180 -49.18 -36.14 8.37
N TYR D 181 -48.59 -37.18 8.95
CA TYR D 181 -48.64 -38.56 8.45
C TYR D 181 -49.23 -39.43 9.50
N LEU D 182 -50.22 -40.22 9.12
CA LEU D 182 -50.81 -41.20 10.03
C LEU D 182 -50.46 -42.57 9.49
N SER D 183 -49.69 -43.35 10.28
CA SER D 183 -49.28 -44.69 9.91
C SER D 183 -50.26 -45.72 10.49
N LEU D 184 -50.82 -46.59 9.64
CA LEU D 184 -51.81 -47.59 10.06
C LEU D 184 -51.43 -48.93 9.48
N THR D 185 -52.06 -50.01 9.94
CA THR D 185 -51.86 -51.31 9.29
C THR D 185 -52.94 -51.30 8.20
N PRO D 186 -52.82 -52.09 7.11
CA PRO D 186 -53.92 -52.19 6.13
C PRO D 186 -55.24 -52.61 6.77
N GLU D 187 -55.18 -53.47 7.83
CA GLU D 187 -56.36 -53.97 8.58
C GLU D 187 -57.08 -52.84 9.30
N GLN D 188 -56.34 -51.93 9.96
CA GLN D 188 -56.93 -50.74 10.65
C GLN D 188 -57.59 -49.83 9.61
N TRP D 189 -56.93 -49.60 8.46
CA TRP D 189 -57.44 -48.79 7.37
C TRP D 189 -58.78 -49.33 6.86
N LYS D 190 -58.83 -50.65 6.57
CA LYS D 190 -60.01 -51.33 6.02
C LYS D 190 -61.15 -51.54 7.02
N SER D 191 -60.85 -51.51 8.35
CA SER D 191 -61.86 -51.77 9.39
C SER D 191 -62.66 -50.52 9.82
N HIS D 192 -62.26 -49.32 9.38
CA HIS D 192 -63.01 -48.11 9.71
C HIS D 192 -63.77 -47.63 8.50
N ARG D 193 -64.87 -46.89 8.73
CA ARG D 193 -65.69 -46.32 7.67
C ARG D 193 -64.92 -45.17 7.00
N SER D 194 -64.14 -44.40 7.77
CA SER D 194 -63.36 -43.28 7.26
C SER D 194 -62.29 -42.86 8.26
N TYR D 195 -61.36 -42.01 7.80
CA TYR D 195 -60.37 -41.36 8.64
C TYR D 195 -60.40 -39.89 8.23
N SER D 196 -60.13 -38.99 9.17
CA SER D 196 -60.12 -37.55 8.91
C SER D 196 -58.87 -36.87 9.46
N CYS D 197 -58.43 -35.82 8.77
CA CYS D 197 -57.38 -34.92 9.21
C CYS D 197 -58.11 -33.61 9.50
N GLN D 198 -58.05 -33.15 10.76
CA GLN D 198 -58.71 -31.91 11.18
C GLN D 198 -57.64 -30.89 11.46
N VAL D 199 -57.69 -29.77 10.73
CA VAL D 199 -56.66 -28.75 10.85
C VAL D 199 -57.28 -27.49 11.41
N THR D 200 -56.88 -27.10 12.62
CA THR D 200 -57.38 -25.90 13.26
C THR D 200 -56.37 -24.80 13.21
N HIS D 201 -56.82 -23.63 12.78
CA HIS D 201 -55.96 -22.46 12.65
C HIS D 201 -56.75 -21.25 12.99
N GLU D 202 -56.28 -20.47 13.99
CA GLU D 202 -56.89 -19.26 14.46
C GLU D 202 -58.37 -19.43 14.85
N GLY D 203 -58.69 -20.57 15.42
CA GLY D 203 -60.05 -20.86 15.86
C GLY D 203 -60.99 -21.44 14.82
N SER D 204 -60.54 -21.54 13.54
CA SER D 204 -61.33 -22.13 12.43
C SER D 204 -60.74 -23.45 12.02
N THR D 205 -61.59 -24.41 11.66
CA THR D 205 -61.17 -25.78 11.33
C THR D 205 -61.53 -26.17 9.89
N VAL D 206 -60.60 -26.87 9.25
CA VAL D 206 -60.82 -27.52 7.98
C VAL D 206 -60.60 -29.00 8.21
N GLU D 207 -61.61 -29.81 7.89
CA GLU D 207 -61.57 -31.24 8.08
C GLU D 207 -61.68 -31.95 6.73
N LYS D 208 -60.67 -32.78 6.42
CA LYS D 208 -60.70 -33.57 5.19
C LYS D 208 -60.87 -35.04 5.59
N THR D 209 -61.65 -35.80 4.81
CA THR D 209 -61.96 -37.19 5.12
C THR D 209 -61.68 -38.09 3.92
N VAL D 210 -61.18 -39.29 4.19
CA VAL D 210 -60.90 -40.31 3.17
C VAL D 210 -61.50 -41.63 3.69
N ALA D 211 -61.87 -42.53 2.78
CA ALA D 211 -62.48 -43.81 3.13
C ALA D 211 -61.90 -44.93 2.30
N PRO D 212 -61.83 -46.18 2.84
CA PRO D 212 -61.30 -47.31 2.03
C PRO D 212 -62.07 -47.59 0.74
N THR D 213 -61.37 -48.17 -0.25
CA THR D 213 -61.78 -48.58 -1.62
C THR D 213 -62.18 -47.38 -2.51
N GLU E 18 27.06 3.43 5.28
CA GLU E 18 26.82 4.86 5.25
C GLU E 18 26.54 5.38 3.84
N VAL E 19 25.48 6.17 3.72
CA VAL E 19 25.04 6.77 2.45
C VAL E 19 26.10 7.75 1.95
N GLN E 20 26.52 7.55 0.69
CA GLN E 20 27.50 8.40 0.02
C GLN E 20 26.96 8.76 -1.35
N LEU E 21 27.02 10.05 -1.69
CA LEU E 21 26.56 10.59 -2.97
C LEU E 21 27.68 11.47 -3.47
N LEU E 22 28.36 11.05 -4.54
CA LEU E 22 29.54 11.77 -5.06
C LEU E 22 29.32 12.31 -6.45
N GLU E 23 29.11 13.64 -6.54
CA GLU E 23 28.86 14.31 -7.83
C GLU E 23 30.17 14.57 -8.58
N SER E 24 30.10 14.57 -9.89
CA SER E 24 31.24 14.84 -10.79
C SER E 24 30.68 15.50 -12.01
N GLY E 25 31.55 16.12 -12.81
CA GLY E 25 31.15 16.64 -14.10
C GLY E 25 31.01 18.14 -14.24
N GLY E 26 31.03 18.88 -13.16
CA GLY E 26 30.90 20.34 -13.20
C GLY E 26 32.14 21.01 -13.74
N GLY E 27 31.96 22.21 -14.28
CA GLY E 27 33.03 22.99 -14.86
C GLY E 27 32.44 24.16 -15.60
N LEU E 28 33.27 24.80 -16.42
CA LEU E 28 32.95 26.00 -17.20
C LEU E 28 32.53 25.69 -18.62
N VAL E 29 31.37 26.24 -19.00
CA VAL E 29 30.76 26.01 -20.29
C VAL E 29 30.27 27.38 -20.84
N GLN E 30 30.27 27.58 -22.16
CA GLN E 30 29.74 28.78 -22.81
C GLN E 30 28.19 28.66 -22.89
N PRO E 31 27.42 29.79 -22.89
CA PRO E 31 25.97 29.67 -23.17
C PRO E 31 25.72 28.90 -24.47
N GLY E 32 24.68 28.06 -24.44
CA GLY E 32 24.27 27.23 -25.55
C GLY E 32 24.96 25.89 -25.51
N GLY E 33 25.94 25.76 -24.62
CA GLY E 33 26.74 24.58 -24.44
C GLY E 33 26.02 23.46 -23.72
N SER E 34 26.70 22.31 -23.60
CA SER E 34 26.20 21.09 -22.97
C SER E 34 27.18 20.61 -21.94
N LEU E 35 26.67 19.87 -20.95
CA LEU E 35 27.48 19.26 -19.90
C LEU E 35 26.67 18.13 -19.30
N ARG E 36 27.33 17.05 -18.89
CA ARG E 36 26.66 15.92 -18.24
C ARG E 36 27.23 15.80 -16.83
N LEU E 37 26.34 15.81 -15.83
CA LEU E 37 26.76 15.61 -14.44
C LEU E 37 26.47 14.17 -14.09
N SER E 38 27.27 13.62 -13.17
CA SER E 38 27.14 12.27 -12.66
C SER E 38 27.04 12.37 -11.16
N CYS E 39 26.43 11.37 -10.55
CA CYS E 39 26.37 11.22 -9.12
C CYS E 39 26.50 9.72 -8.86
N ALA E 40 27.59 9.29 -8.20
CA ALA E 40 27.89 7.91 -7.90
C ALA E 40 27.40 7.66 -6.50
N ALA E 41 26.46 6.75 -6.37
CA ALA E 41 25.85 6.42 -5.09
C ALA E 41 26.38 5.11 -4.57
N SER E 42 26.57 5.03 -3.24
CA SER E 42 26.95 3.81 -2.55
C SER E 42 26.38 3.86 -1.13
N GLY E 43 26.33 2.71 -0.46
CA GLY E 43 25.88 2.59 0.93
C GLY E 43 24.38 2.39 1.09
N PHE E 44 23.65 2.17 -0.02
CA PHE E 44 22.20 1.90 -0.02
C PHE E 44 21.84 1.20 -1.32
N THR E 45 20.67 0.54 -1.36
CA THR E 45 20.16 -0.17 -2.55
C THR E 45 19.61 0.88 -3.51
N PHE E 46 20.50 1.38 -4.39
CA PHE E 46 20.25 2.48 -5.30
C PHE E 46 18.93 2.40 -6.10
N SER E 47 18.65 1.22 -6.72
CA SER E 47 17.46 1.07 -7.57
C SER E 47 16.14 1.21 -6.83
N SER E 48 16.14 1.13 -5.49
CA SER E 48 14.88 1.28 -4.76
C SER E 48 14.68 2.73 -4.24
N TYR E 49 15.48 3.70 -4.75
CA TYR E 49 15.31 5.08 -4.32
C TYR E 49 15.08 6.05 -5.44
N ALA E 50 14.08 6.91 -5.24
CA ALA E 50 13.85 8.02 -6.14
C ALA E 50 15.06 8.98 -5.88
N MET E 51 15.51 9.68 -6.93
CA MET E 51 16.69 10.57 -6.81
C MET E 51 16.35 11.93 -7.34
N SER E 52 17.10 12.94 -6.90
CA SER E 52 16.82 14.32 -7.33
C SER E 52 18.09 15.11 -7.56
N TRP E 53 18.00 16.17 -8.37
CA TRP E 53 19.03 17.17 -8.57
C TRP E 53 18.43 18.49 -8.04
N VAL E 54 19.19 19.22 -7.23
CA VAL E 54 18.80 20.51 -6.62
C VAL E 54 20.02 21.42 -6.85
N ARG E 55 19.79 22.68 -7.22
CA ARG E 55 20.90 23.57 -7.46
C ARG E 55 20.88 24.82 -6.55
N GLN E 56 22.04 25.47 -6.44
CA GLN E 56 22.13 26.67 -5.63
C GLN E 56 23.14 27.63 -6.21
N ALA E 57 22.67 28.76 -6.74
CA ALA E 57 23.53 29.84 -7.25
C ALA E 57 24.24 30.50 -6.04
N PRO E 58 25.51 30.99 -6.18
CA PRO E 58 26.21 31.57 -5.01
C PRO E 58 25.43 32.67 -4.28
N GLY E 59 25.33 32.52 -2.96
CA GLY E 59 24.57 33.40 -2.08
C GLY E 59 23.05 33.42 -2.27
N LYS E 60 22.50 32.42 -3.01
CA LYS E 60 21.06 32.36 -3.25
C LYS E 60 20.48 31.08 -2.61
N GLY E 61 19.18 30.87 -2.76
CA GLY E 61 18.51 29.73 -2.15
C GLY E 61 18.59 28.42 -2.92
N LEU E 62 18.05 27.37 -2.33
CA LEU E 62 18.01 26.06 -2.98
C LEU E 62 16.90 26.04 -4.02
N GLU E 63 17.17 25.46 -5.20
CA GLU E 63 16.19 25.38 -6.29
C GLU E 63 16.13 23.98 -6.84
N TRP E 64 14.97 23.35 -6.73
CA TRP E 64 14.77 22.01 -7.27
C TRP E 64 14.92 22.03 -8.77
N VAL E 65 15.62 21.01 -9.32
CA VAL E 65 15.84 20.92 -10.76
C VAL E 65 15.06 19.78 -11.40
N SER E 66 15.29 18.56 -10.91
CA SER E 66 14.73 17.39 -11.57
C SER E 66 14.67 16.23 -10.60
N ALA E 67 13.82 15.26 -10.90
CA ALA E 67 13.64 14.04 -10.09
C ALA E 67 13.37 12.86 -10.99
N ILE E 68 13.71 11.66 -10.50
CA ILE E 68 13.55 10.41 -11.25
C ILE E 68 13.13 9.30 -10.28
N SER E 69 12.17 8.44 -10.69
CA SER E 69 11.72 7.32 -9.86
C SER E 69 12.87 6.28 -9.75
N GLY E 70 12.79 5.39 -8.75
CA GLY E 70 13.80 4.34 -8.55
C GLY E 70 14.10 3.53 -9.81
N SER E 71 13.03 3.16 -10.56
CA SER E 71 13.14 2.36 -11.80
C SER E 71 13.63 3.19 -13.00
N GLY E 72 13.45 4.50 -12.94
CA GLY E 72 13.77 5.43 -14.03
C GLY E 72 12.58 5.67 -14.94
N GLY E 73 11.47 4.99 -14.66
CA GLY E 73 10.22 5.07 -15.44
C GLY E 73 9.51 6.40 -15.43
N SER E 74 9.68 7.18 -14.35
CA SER E 74 9.03 8.50 -14.21
C SER E 74 10.09 9.55 -13.94
N THR E 75 10.00 10.67 -14.67
CA THR E 75 10.90 11.81 -14.55
C THR E 75 10.08 13.11 -14.36
N TYR E 76 10.67 14.07 -13.62
CA TYR E 76 10.03 15.32 -13.26
C TYR E 76 11.01 16.46 -13.43
N TYR E 77 10.52 17.61 -13.93
CA TYR E 77 11.37 18.75 -14.20
C TYR E 77 10.81 20.06 -13.74
N ALA E 78 11.68 20.96 -13.27
CA ALA E 78 11.26 22.32 -12.94
C ALA E 78 11.01 23.03 -14.28
N ASP E 79 10.02 23.95 -14.32
CA ASP E 79 9.71 24.71 -15.53
C ASP E 79 10.93 25.40 -16.15
N SER E 80 11.85 25.90 -15.31
CA SER E 80 13.07 26.61 -15.73
C SER E 80 14.04 25.74 -16.54
N VAL E 81 13.88 24.37 -16.52
CA VAL E 81 14.84 23.49 -17.18
C VAL E 81 14.18 22.52 -18.18
N LYS E 82 12.82 22.54 -18.28
CA LYS E 82 12.06 21.66 -19.20
C LYS E 82 12.53 21.86 -20.65
N GLY E 83 12.72 20.74 -21.34
CA GLY E 83 13.18 20.72 -22.72
C GLY E 83 14.68 20.94 -22.91
N ARG E 84 15.41 21.30 -21.85
CA ARG E 84 16.85 21.54 -21.94
C ARG E 84 17.62 20.48 -21.19
N PHE E 85 17.13 20.05 -20.02
CA PHE E 85 17.83 19.06 -19.21
C PHE E 85 17.13 17.72 -19.26
N THR E 86 17.93 16.65 -19.08
CA THR E 86 17.40 15.28 -19.05
C THR E 86 18.00 14.57 -17.86
N ILE E 87 17.14 14.10 -16.96
CA ILE E 87 17.61 13.27 -15.83
C ILE E 87 17.55 11.79 -16.28
N SER E 88 18.52 10.97 -15.86
CA SER E 88 18.51 9.56 -16.18
C SER E 88 19.30 8.84 -15.12
N ARG E 89 19.22 7.52 -15.09
CA ARG E 89 19.98 6.74 -14.13
C ARG E 89 20.43 5.42 -14.74
N ASP E 90 21.54 4.85 -14.24
CA ASP E 90 22.03 3.52 -14.62
C ASP E 90 22.08 2.74 -13.33
N ASN E 91 21.05 1.92 -13.07
CA ASN E 91 20.93 1.14 -11.84
C ASN E 91 21.97 0.02 -11.72
N SER E 92 22.59 -0.39 -12.85
CA SER E 92 23.63 -1.42 -12.78
C SER E 92 24.96 -0.80 -12.32
N LYS E 93 25.12 0.52 -12.54
CA LYS E 93 26.32 1.29 -12.20
C LYS E 93 26.13 2.15 -10.95
N ASN E 94 24.91 2.16 -10.34
CA ASN E 94 24.55 2.99 -9.17
C ASN E 94 24.87 4.48 -9.44
N THR E 95 24.50 4.96 -10.65
CA THR E 95 24.76 6.34 -11.05
C THR E 95 23.53 7.07 -11.51
N LEU E 96 23.45 8.36 -11.13
CA LEU E 96 22.42 9.29 -11.50
C LEU E 96 23.13 10.30 -12.41
N TYR E 97 22.44 10.72 -13.48
CA TYR E 97 22.97 11.68 -14.43
C TYR E 97 22.05 12.84 -14.62
N LEU E 98 22.66 13.97 -15.04
CA LEU E 98 21.89 15.14 -15.46
C LEU E 98 22.53 15.63 -16.73
N GLN E 99 21.83 15.47 -17.86
CA GLN E 99 22.37 15.94 -19.13
C GLN E 99 21.81 17.34 -19.26
N MET E 100 22.69 18.32 -19.30
CA MET E 100 22.29 19.73 -19.36
C MET E 100 22.63 20.30 -20.72
N ASN E 101 21.63 20.52 -21.62
CA ASN E 101 21.88 21.09 -22.95
C ASN E 101 21.40 22.52 -22.92
N SER E 102 21.70 23.32 -23.97
CA SER E 102 21.20 24.68 -24.11
C SER E 102 21.40 25.50 -22.85
N LEU E 103 22.61 25.37 -22.24
CA LEU E 103 22.91 26.06 -21.01
C LEU E 103 22.85 27.57 -21.15
N ARG E 104 22.46 28.23 -20.06
CA ARG E 104 22.48 29.70 -20.02
C ARG E 104 23.11 30.19 -18.74
N ALA E 105 23.55 31.47 -18.73
CA ALA E 105 24.20 32.07 -17.58
C ALA E 105 23.50 31.81 -16.24
N GLU E 106 22.15 31.82 -16.24
CA GLU E 106 21.29 31.63 -15.06
C GLU E 106 21.30 30.20 -14.53
N ASP E 107 21.92 29.27 -15.26
CA ASP E 107 22.07 27.89 -14.79
C ASP E 107 23.32 27.72 -13.91
N THR E 108 24.13 28.78 -13.77
CA THR E 108 25.35 28.77 -12.93
C THR E 108 24.97 28.51 -11.50
N ALA E 109 25.58 27.47 -10.88
CA ALA E 109 25.17 27.03 -9.54
C ALA E 109 25.99 25.86 -9.13
N VAL E 110 25.90 25.52 -7.83
CA VAL E 110 26.39 24.25 -7.33
C VAL E 110 25.20 23.30 -7.50
N TYR E 111 25.43 22.14 -8.14
CA TYR E 111 24.40 21.13 -8.34
C TYR E 111 24.60 19.99 -7.38
N TYR E 112 23.54 19.68 -6.62
CA TYR E 112 23.54 18.61 -5.62
C TYR E 112 22.67 17.48 -6.07
N CYS E 113 23.17 16.28 -5.83
CA CYS E 113 22.53 15.01 -6.03
C CYS E 113 21.81 14.79 -4.68
N ALA E 114 20.58 14.22 -4.70
CA ALA E 114 19.85 13.98 -3.47
C ALA E 114 19.10 12.67 -3.52
N ARG E 115 19.09 11.93 -2.41
CA ARG E 115 18.34 10.66 -2.29
C ARG E 115 17.00 10.95 -1.63
N ASP E 116 15.90 10.47 -2.27
CA ASP E 116 14.56 10.69 -1.77
C ASP E 116 13.94 9.38 -1.27
N LEU E 117 13.28 9.43 -0.11
CA LEU E 117 12.63 8.25 0.49
C LEU E 117 11.36 7.89 -0.31
N ILE E 118 10.67 8.91 -0.79
CA ILE E 118 9.54 8.84 -1.71
C ILE E 118 9.67 10.13 -2.50
N HIS E 119 8.90 10.28 -3.59
CA HIS E 119 8.88 11.52 -4.36
C HIS E 119 8.68 12.73 -3.42
N GLY E 120 9.63 13.65 -3.46
CA GLY E 120 9.59 14.89 -2.69
C GLY E 120 10.11 14.86 -1.29
N VAL E 121 10.63 13.71 -0.80
CA VAL E 121 11.09 13.63 0.60
C VAL E 121 12.58 13.36 0.59
N THR E 122 13.40 14.41 0.49
CA THR E 122 14.86 14.15 0.38
C THR E 122 15.47 13.90 1.75
N ARG E 123 16.24 12.82 1.82
CA ARG E 123 16.86 12.36 3.06
C ARG E 123 18.38 12.59 3.14
N ASN E 124 19.06 12.63 1.99
CA ASN E 124 20.52 12.76 1.92
C ASN E 124 20.90 13.63 0.75
N TRP E 125 21.96 14.41 0.93
CA TRP E 125 22.54 15.32 -0.04
C TRP E 125 23.98 14.94 -0.34
N GLY E 126 24.42 15.15 -1.58
CA GLY E 126 25.82 14.98 -1.94
C GLY E 126 26.61 16.24 -1.58
N GLN E 127 27.86 16.35 -2.05
CA GLN E 127 28.76 17.49 -1.76
C GLN E 127 28.61 18.61 -2.76
N GLY E 128 28.03 18.30 -3.90
CA GLY E 128 27.82 19.29 -4.93
C GLY E 128 28.93 19.35 -5.96
N THR E 129 28.60 19.83 -7.15
CA THR E 129 29.56 20.06 -8.24
C THR E 129 29.24 21.43 -8.82
N LEU E 130 30.28 22.28 -8.98
CA LEU E 130 30.02 23.63 -9.46
C LEU E 130 29.96 23.70 -10.97
N VAL E 131 28.87 24.27 -11.49
CA VAL E 131 28.68 24.47 -12.92
C VAL E 131 28.71 25.97 -13.18
N THR E 132 29.62 26.42 -14.06
CA THR E 132 29.71 27.84 -14.41
C THR E 132 29.38 27.96 -15.86
N VAL E 133 28.37 28.79 -16.20
CA VAL E 133 27.95 29.05 -17.57
C VAL E 133 28.22 30.53 -17.78
N SER E 134 29.13 30.85 -18.68
CA SER E 134 29.55 32.23 -18.91
C SER E 134 30.18 32.35 -20.27
N SER E 135 30.13 33.54 -20.84
CA SER E 135 30.80 33.77 -22.11
C SER E 135 32.31 34.00 -21.90
N ALA E 136 32.76 34.27 -20.65
CA ALA E 136 34.19 34.46 -20.31
C ALA E 136 34.91 33.10 -20.34
N SER E 137 36.18 33.06 -20.73
CA SER E 137 36.93 31.81 -20.78
C SER E 137 37.80 31.60 -19.56
N THR E 138 38.32 30.37 -19.39
CA THR E 138 39.23 30.04 -18.28
C THR E 138 40.47 30.98 -18.28
N LYS E 139 40.81 31.52 -17.10
CA LYS E 139 41.97 32.41 -16.95
C LYS E 139 42.61 32.09 -15.61
N GLY E 140 43.87 31.69 -15.67
CA GLY E 140 44.66 31.40 -14.49
C GLY E 140 45.07 32.73 -13.86
N PRO E 141 45.29 32.77 -12.53
CA PRO E 141 45.64 34.05 -11.92
C PRO E 141 47.12 34.44 -12.06
N SER E 142 47.40 35.73 -11.81
CA SER E 142 48.75 36.17 -11.63
C SER E 142 48.90 36.27 -10.11
N VAL E 143 50.00 35.78 -9.58
CA VAL E 143 50.21 35.75 -8.13
C VAL E 143 51.31 36.75 -7.77
N PHE E 144 50.98 37.69 -6.87
CA PHE E 144 51.93 38.71 -6.48
C PHE E 144 52.19 38.63 -5.00
N PRO E 145 53.45 38.82 -4.59
CA PRO E 145 53.72 38.84 -3.14
C PRO E 145 53.22 40.14 -2.50
N LEU E 146 52.71 40.03 -1.27
CA LEU E 146 52.31 41.21 -0.48
C LEU E 146 53.35 41.21 0.62
N ALA E 147 54.46 41.93 0.37
CA ALA E 147 55.62 41.94 1.25
C ALA E 147 55.36 42.55 2.62
N PRO E 148 55.98 41.94 3.68
CA PRO E 148 55.89 42.55 5.01
C PRO E 148 56.75 43.82 5.03
N SER E 149 56.31 44.81 5.79
CA SER E 149 57.01 46.09 5.90
C SER E 149 56.75 46.69 7.27
N SER E 150 57.27 47.90 7.53
CA SER E 150 56.98 48.61 8.78
C SER E 150 55.49 48.96 8.88
N LYS E 151 54.79 49.08 7.72
CA LYS E 151 53.35 49.42 7.71
C LYS E 151 52.44 48.21 7.93
N SER E 152 53.00 46.99 7.81
CA SER E 152 52.22 45.75 8.01
C SER E 152 52.63 45.09 9.33
N THR E 153 53.42 45.81 10.16
CA THR E 153 53.91 45.38 11.47
C THR E 153 53.34 46.28 12.57
N SER E 154 53.25 45.73 13.80
CA SER E 154 52.82 46.39 15.04
C SER E 154 52.72 45.31 16.10
N GLY E 155 53.10 45.66 17.33
CA GLY E 155 53.07 44.80 18.50
C GLY E 155 53.73 43.45 18.30
N GLY E 156 54.90 43.43 17.66
CA GLY E 156 55.69 42.21 17.45
C GLY E 156 55.24 41.27 16.35
N THR E 157 54.24 41.67 15.55
CA THR E 157 53.78 40.80 14.49
C THR E 157 53.87 41.53 13.17
N ALA E 158 54.19 40.77 12.14
CA ALA E 158 54.25 41.26 10.77
C ALA E 158 53.21 40.54 9.96
N ALA E 159 52.54 41.26 9.07
CA ALA E 159 51.59 40.68 8.16
C ALA E 159 52.25 40.59 6.78
N LEU E 160 52.10 39.43 6.16
CA LEU E 160 52.59 39.22 4.80
C LEU E 160 51.57 38.41 4.03
N GLY E 161 51.59 38.50 2.72
CA GLY E 161 50.60 37.72 1.98
C GLY E 161 50.87 37.51 0.52
N CYS E 162 49.82 37.05 -0.15
CA CYS E 162 49.77 36.79 -1.58
C CYS E 162 48.48 37.28 -2.17
N LEU E 163 48.60 38.04 -3.27
CA LEU E 163 47.47 38.53 -4.05
C LEU E 163 47.32 37.58 -5.26
N VAL E 164 46.14 36.98 -5.39
CA VAL E 164 45.79 35.99 -6.45
C VAL E 164 44.81 36.76 -7.35
N LYS E 165 45.35 37.38 -8.36
CA LYS E 165 44.64 38.33 -9.19
C LYS E 165 44.06 37.77 -10.46
N ASP E 166 42.81 38.16 -10.78
CA ASP E 166 42.14 37.96 -12.06
C ASP E 166 42.07 36.52 -12.57
N TYR E 167 41.34 35.66 -11.86
CA TYR E 167 41.18 34.28 -12.28
C TYR E 167 39.72 33.99 -12.59
N PHE E 168 39.49 32.95 -13.37
CA PHE E 168 38.13 32.54 -13.72
C PHE E 168 38.15 31.12 -14.24
N PRO E 169 37.19 30.26 -13.86
CA PRO E 169 36.11 30.45 -12.88
C PRO E 169 36.62 30.18 -11.44
N GLN E 170 35.70 30.12 -10.48
CA GLN E 170 36.06 29.67 -9.14
C GLN E 170 36.30 28.12 -9.23
N PRO E 171 37.05 27.49 -8.31
CA PRO E 171 37.65 28.06 -7.11
C PRO E 171 39.18 28.11 -7.21
N VAL E 172 39.82 28.70 -6.19
CA VAL E 172 41.29 28.66 -6.04
C VAL E 172 41.57 28.18 -4.62
N THR E 173 42.74 27.63 -4.41
CA THR E 173 43.13 27.23 -3.07
C THR E 173 44.51 27.80 -2.76
N VAL E 174 44.73 28.18 -1.49
CA VAL E 174 46.02 28.72 -1.05
C VAL E 174 46.47 28.01 0.20
N SER E 175 47.74 27.60 0.23
CA SER E 175 48.34 27.08 1.47
C SER E 175 49.64 27.86 1.67
N TRP E 176 50.26 27.72 2.85
CA TRP E 176 51.54 28.37 3.11
C TRP E 176 52.53 27.32 3.51
N ASN E 177 53.74 27.38 2.90
CA ASN E 177 54.84 26.47 3.15
C ASN E 177 54.38 25.01 3.04
N SER E 178 53.63 24.70 1.96
CA SER E 178 53.07 23.37 1.63
C SER E 178 52.17 22.78 2.72
N GLY E 179 51.49 23.63 3.48
CA GLY E 179 50.60 23.21 4.55
C GLY E 179 51.24 23.13 5.93
N ALA E 180 52.57 23.32 6.02
CA ALA E 180 53.31 23.28 7.30
C ALA E 180 52.99 24.52 8.13
N LEU E 181 52.57 25.64 7.49
CA LEU E 181 52.21 26.88 8.18
C LEU E 181 50.71 27.08 8.13
N THR E 182 50.05 26.94 9.30
CA THR E 182 48.59 27.08 9.41
C THR E 182 48.20 28.13 10.43
N SER E 183 49.04 28.31 11.46
CA SER E 183 48.77 29.29 12.51
C SER E 183 48.99 30.69 11.95
N GLY E 184 48.03 31.58 12.22
CA GLY E 184 48.05 32.96 11.74
C GLY E 184 47.67 33.18 10.29
N VAL E 185 47.21 32.12 9.58
CA VAL E 185 46.80 32.21 8.16
C VAL E 185 45.35 32.65 8.04
N HIS E 186 45.09 33.59 7.12
CA HIS E 186 43.75 34.06 6.79
C HIS E 186 43.63 34.23 5.28
N THR E 187 42.93 33.29 4.63
CA THR E 187 42.65 33.35 3.20
C THR E 187 41.27 33.96 3.07
N PHE E 188 41.20 35.08 2.37
CA PHE E 188 39.94 35.81 2.30
C PHE E 188 39.06 35.31 1.16
N PRO E 189 37.72 35.43 1.33
CA PRO E 189 36.81 35.17 0.20
C PRO E 189 37.12 36.09 -0.98
N ALA E 190 36.98 35.55 -2.17
CA ALA E 190 37.25 36.24 -3.42
C ALA E 190 36.31 37.42 -3.66
N VAL E 191 36.81 38.41 -4.38
CA VAL E 191 36.00 39.51 -4.84
C VAL E 191 35.62 39.17 -6.28
N LEU E 192 34.37 39.43 -6.69
CA LEU E 192 33.95 39.27 -8.09
C LEU E 192 34.00 40.69 -8.68
N GLN E 193 34.95 40.95 -9.58
CA GLN E 193 35.10 42.29 -10.16
C GLN E 193 34.06 42.59 -11.25
N SER E 194 33.91 43.89 -11.61
CA SER E 194 32.97 44.27 -12.68
C SER E 194 33.44 43.68 -14.03
N SER E 195 34.73 43.31 -14.12
CA SER E 195 35.32 42.65 -15.30
C SER E 195 34.78 41.20 -15.45
N GLY E 196 34.24 40.63 -14.36
CA GLY E 196 33.75 39.26 -14.33
C GLY E 196 34.82 38.30 -13.82
N LEU E 197 36.01 38.82 -13.49
CA LEU E 197 37.09 37.99 -12.99
C LEU E 197 37.13 38.09 -11.50
N TYR E 198 37.70 37.06 -10.85
CA TYR E 198 37.82 36.99 -9.41
C TYR E 198 39.23 37.36 -8.98
N SER E 199 39.36 37.87 -7.75
CA SER E 199 40.65 38.09 -7.12
C SER E 199 40.52 37.71 -5.66
N LEU E 200 41.58 37.14 -5.06
CA LEU E 200 41.54 36.92 -3.62
C LEU E 200 42.91 37.15 -3.02
N SER E 201 42.95 37.29 -1.71
CA SER E 201 44.21 37.44 -1.02
C SER E 201 44.27 36.45 0.11
N SER E 202 45.47 36.09 0.47
CA SER E 202 45.74 35.25 1.61
C SER E 202 46.83 35.95 2.40
N VAL E 203 46.65 36.09 3.71
CA VAL E 203 47.64 36.73 4.57
C VAL E 203 48.02 35.85 5.73
N VAL E 204 49.25 36.01 6.19
CA VAL E 204 49.72 35.33 7.39
C VAL E 204 50.37 36.35 8.34
N THR E 205 50.05 36.26 9.63
CA THR E 205 50.63 37.12 10.66
C THR E 205 51.69 36.30 11.36
N VAL E 206 52.91 36.81 11.35
CA VAL E 206 54.04 36.07 11.90
C VAL E 206 54.79 36.92 12.96
N PRO E 207 55.58 36.30 13.86
CA PRO E 207 56.45 37.09 14.74
C PRO E 207 57.38 37.94 13.84
N SER E 208 57.49 39.26 14.12
CA SER E 208 58.31 40.16 13.28
C SER E 208 59.78 39.76 13.27
N SER E 209 60.22 39.04 14.32
CA SER E 209 61.61 38.59 14.44
C SER E 209 61.96 37.40 13.52
N SER E 210 60.94 36.76 12.93
CA SER E 210 61.12 35.63 12.00
C SER E 210 61.35 36.10 10.55
N LEU E 211 61.11 37.40 10.26
CA LEU E 211 61.31 37.97 8.91
C LEU E 211 62.79 37.95 8.51
N GLY E 212 63.06 37.46 7.30
CA GLY E 212 64.43 37.35 6.81
C GLY E 212 65.25 36.27 7.53
N THR E 213 64.56 35.31 8.17
CA THR E 213 65.12 34.16 8.88
C THR E 213 64.26 32.94 8.46
N GLN E 214 62.92 33.07 8.49
CA GLN E 214 62.00 32.03 8.07
C GLN E 214 61.54 32.32 6.66
N THR E 215 61.53 31.29 5.83
CA THR E 215 61.04 31.43 4.47
C THR E 215 59.54 31.27 4.48
N TYR E 216 58.84 32.15 3.74
CA TYR E 216 57.39 32.10 3.64
C TYR E 216 57.03 32.03 2.18
N ILE E 217 56.33 30.96 1.83
CA ILE E 217 55.90 30.68 0.45
C ILE E 217 54.41 30.42 0.40
N CYS E 218 53.69 31.11 -0.49
CA CYS E 218 52.27 30.80 -0.67
C CYS E 218 52.16 29.88 -1.89
N ASN E 219 51.41 28.81 -1.71
CA ASN E 219 51.14 27.79 -2.72
C ASN E 219 49.73 28.01 -3.24
N VAL E 220 49.64 28.49 -4.47
CA VAL E 220 48.34 28.80 -5.08
C VAL E 220 48.01 27.73 -6.12
N ASN E 221 46.80 27.21 -6.09
CA ASN E 221 46.39 26.28 -7.12
C ASN E 221 45.04 26.68 -7.70
N HIS E 222 44.98 26.91 -9.01
CA HIS E 222 43.74 27.22 -9.69
C HIS E 222 43.52 26.04 -10.62
N LYS E 223 42.89 24.96 -10.10
CA LYS E 223 42.64 23.72 -10.86
C LYS E 223 41.92 23.96 -12.20
N PRO E 224 40.90 24.87 -12.32
CA PRO E 224 40.27 25.07 -13.64
C PRO E 224 41.21 25.43 -14.80
N SER E 225 42.31 26.13 -14.55
CA SER E 225 43.27 26.51 -15.60
C SER E 225 44.57 25.72 -15.48
N ASN E 226 44.63 24.74 -14.55
CA ASN E 226 45.82 23.94 -14.25
C ASN E 226 47.03 24.84 -13.93
N THR E 227 46.81 25.84 -13.05
CA THR E 227 47.84 26.78 -12.61
C THR E 227 48.25 26.48 -11.17
N LYS E 228 49.55 26.14 -10.93
CA LYS E 228 50.12 25.96 -9.59
C LYS E 228 51.29 26.93 -9.48
N VAL E 229 51.20 27.88 -8.53
CA VAL E 229 52.23 28.89 -8.33
C VAL E 229 52.69 28.86 -6.88
N ASP E 230 54.02 28.77 -6.65
CA ASP E 230 54.61 28.82 -5.31
C ASP E 230 55.39 30.12 -5.26
N LYS E 231 54.83 31.14 -4.61
CA LYS E 231 55.42 32.48 -4.56
C LYS E 231 56.14 32.74 -3.24
N LYS E 232 57.44 33.04 -3.32
CA LYS E 232 58.21 33.38 -2.13
C LYS E 232 57.91 34.83 -1.75
N VAL E 233 57.56 35.03 -0.46
CA VAL E 233 57.19 36.36 0.04
C VAL E 233 58.26 36.81 1.01
N GLU E 234 58.94 37.88 0.68
CA GLU E 234 60.02 38.34 1.53
C GLU E 234 60.00 39.86 1.76
N PRO E 235 60.61 40.36 2.87
CA PRO E 235 60.66 41.83 3.08
C PRO E 235 61.34 42.54 1.90
N LYS E 236 60.95 43.77 1.58
CA LYS E 236 61.58 44.40 0.42
C LYS E 236 62.80 45.25 0.79
N SER E 237 63.87 45.15 -0.06
CA SER E 237 65.15 45.86 0.11
C SER E 237 65.82 46.08 -1.25
N ILE F 2 23.71 -25.18 -34.66
CA ILE F 2 23.00 -24.40 -33.64
C ILE F 2 23.96 -24.04 -32.49
N HIS F 3 24.08 -22.75 -32.19
CA HIS F 3 24.96 -22.23 -31.14
C HIS F 3 24.13 -21.57 -30.03
N VAL F 4 24.29 -22.02 -28.78
CA VAL F 4 23.56 -21.41 -27.66
C VAL F 4 24.57 -20.90 -26.63
N THR F 5 24.72 -19.56 -26.55
CA THR F 5 25.62 -18.87 -25.63
C THR F 5 25.05 -19.01 -24.23
N ILE F 6 25.70 -19.85 -23.40
CA ILE F 6 25.28 -20.15 -22.03
C ILE F 6 26.34 -19.72 -20.99
N PRO F 7 25.95 -19.18 -19.80
CA PRO F 7 26.95 -18.76 -18.80
C PRO F 7 27.71 -19.93 -18.17
N ALA F 8 28.89 -19.63 -17.58
CA ALA F 8 29.79 -20.61 -16.94
C ALA F 8 29.12 -21.47 -15.87
N ASP F 9 28.26 -20.87 -15.03
CA ASP F 9 27.54 -21.55 -13.95
C ASP F 9 26.56 -22.62 -14.44
N LEU F 10 25.92 -22.39 -15.62
CA LEU F 10 24.97 -23.33 -16.22
C LEU F 10 25.68 -24.59 -16.75
N TRP F 11 26.83 -24.42 -17.47
CA TRP F 11 27.63 -25.54 -18.00
C TRP F 11 28.25 -26.37 -16.89
N ASP F 12 28.73 -25.71 -15.81
CA ASP F 12 29.29 -26.35 -14.60
C ASP F 12 28.26 -27.29 -13.97
N TRP F 13 26.97 -26.87 -13.97
CA TRP F 13 25.84 -27.62 -13.43
C TRP F 13 25.48 -28.82 -14.31
N ILE F 14 25.63 -28.69 -15.64
CA ILE F 14 25.38 -29.75 -16.63
C ILE F 14 26.40 -30.91 -16.43
N ASN F 15 27.66 -30.56 -16.09
CA ASN F 15 28.76 -31.50 -15.86
C ASN F 15 29.24 -31.46 -14.41
N ASN G 1 1.54 24.59 -9.96
CA ASN G 1 2.69 25.05 -9.20
C ASN G 1 2.27 25.77 -7.91
N PHE G 2 3.20 25.89 -6.97
CA PHE G 2 2.96 26.54 -5.68
C PHE G 2 4.24 27.14 -5.12
N MET G 3 4.09 28.02 -4.13
CA MET G 3 5.24 28.63 -3.47
C MET G 3 5.17 28.32 -1.99
N LEU G 4 6.33 28.43 -1.34
CA LEU G 4 6.52 28.29 0.09
C LEU G 4 7.15 29.59 0.56
N THR G 5 6.46 30.27 1.50
CA THR G 5 6.95 31.54 2.02
C THR G 5 7.51 31.34 3.39
N GLN G 6 8.77 31.75 3.61
CA GLN G 6 9.43 31.71 4.91
C GLN G 6 9.90 33.13 5.26
N PRO G 7 10.10 33.51 6.56
CA PRO G 7 10.70 34.84 6.83
C PRO G 7 12.15 34.92 6.34
N HIS G 8 12.56 36.05 5.73
CA HIS G 8 13.92 36.22 5.23
C HIS G 8 14.92 36.02 6.36
N SER G 9 14.60 36.57 7.53
CA SER G 9 15.51 36.44 8.66
C SER G 9 14.78 36.38 9.99
N VAL G 10 15.41 35.72 10.94
CA VAL G 10 14.89 35.65 12.31
C VAL G 10 16.08 35.86 13.24
N SER G 11 15.94 36.73 14.27
CA SER G 11 16.96 37.00 15.28
C SER G 11 16.40 36.70 16.63
N GLU G 12 17.08 35.86 17.41
CA GLU G 12 16.61 35.51 18.75
C GLU G 12 17.80 35.46 19.68
N SER G 13 17.51 35.56 20.97
CA SER G 13 18.48 35.50 22.04
C SER G 13 18.68 34.05 22.55
N PRO G 14 19.91 33.72 22.99
CA PRO G 14 20.20 32.32 23.41
C PRO G 14 19.34 31.79 24.54
N GLY G 15 19.13 30.47 24.52
CA GLY G 15 18.31 29.76 25.48
C GLY G 15 16.82 29.84 25.21
N LYS G 16 16.39 30.69 24.29
CA LYS G 16 14.97 30.87 23.98
C LYS G 16 14.42 29.85 22.96
N THR G 17 13.09 29.87 22.72
CA THR G 17 12.45 29.01 21.72
C THR G 17 12.16 29.84 20.47
N VAL G 18 12.67 29.40 19.32
CA VAL G 18 12.50 30.09 18.05
C VAL G 18 11.66 29.24 17.12
N THR G 19 10.73 29.89 16.41
CA THR G 19 9.86 29.24 15.44
C THR G 19 10.06 29.85 14.08
N ILE G 20 10.30 28.99 13.07
CA ILE G 20 10.45 29.39 11.66
C ILE G 20 9.26 28.78 10.96
N SER G 21 8.43 29.63 10.34
CA SER G 21 7.22 29.17 9.66
C SER G 21 7.43 29.11 8.15
N CYS G 22 6.60 28.32 7.51
CA CYS G 22 6.69 28.04 6.10
C CYS G 22 5.27 27.89 5.58
N THR G 23 4.79 28.90 4.85
CA THR G 23 3.41 28.92 4.36
C THR G 23 3.30 28.49 2.89
N ARG G 24 2.44 27.50 2.61
CA ARG G 24 2.16 27.00 1.26
C ARG G 24 1.05 27.85 0.62
N SER G 25 1.31 28.37 -0.58
CA SER G 25 0.37 29.27 -1.32
C SER G 25 -0.86 28.58 -1.90
N SER G 26 -0.71 27.37 -2.44
CA SER G 26 -1.80 26.64 -3.07
C SER G 26 -1.59 25.15 -2.85
N GLY G 27 -2.68 24.42 -2.77
CA GLY G 27 -2.63 22.99 -2.46
C GLY G 27 -2.63 22.81 -0.96
N SER G 28 -3.22 21.72 -0.46
CA SER G 28 -3.32 21.47 0.97
C SER G 28 -1.99 21.01 1.52
N LEU G 29 -1.44 21.79 2.50
CA LEU G 29 -0.15 21.50 3.13
C LEU G 29 -0.11 20.07 3.71
N ALA G 30 -1.23 19.64 4.36
CA ALA G 30 -1.35 18.32 5.01
C ALA G 30 -1.40 17.12 4.07
N ASN G 31 -1.48 17.35 2.75
CA ASN G 31 -1.49 16.22 1.82
C ASN G 31 -0.07 15.77 1.43
N TYR G 32 0.96 16.54 1.80
CA TYR G 32 2.35 16.28 1.39
C TYR G 32 3.31 16.58 2.51
N TYR G 33 4.24 15.68 2.75
CA TYR G 33 5.24 15.80 3.80
C TYR G 33 6.13 17.02 3.63
N VAL G 34 6.50 17.66 4.77
CA VAL G 34 7.37 18.83 4.86
C VAL G 34 8.72 18.45 5.47
N GLN G 35 9.78 18.88 4.79
CA GLN G 35 11.17 18.66 5.22
C GLN G 35 11.79 19.99 5.57
N TRP G 36 12.76 19.97 6.50
CA TRP G 36 13.50 21.15 6.92
C TRP G 36 14.98 20.83 6.85
N TYR G 37 15.74 21.73 6.19
CA TYR G 37 17.18 21.58 6.05
C TYR G 37 17.91 22.73 6.68
N GLN G 38 19.08 22.44 7.22
CA GLN G 38 20.00 23.44 7.78
C GLN G 38 21.18 23.53 6.81
N GLN G 39 21.63 24.75 6.55
CA GLN G 39 22.79 24.94 5.69
C GLN G 39 23.72 25.93 6.34
N ARG G 40 24.93 25.47 6.66
CA ARG G 40 25.98 26.31 7.24
C ARG G 40 26.81 26.88 6.09
N PRO G 41 27.51 28.03 6.29
CA PRO G 41 28.31 28.61 5.18
C PRO G 41 29.35 27.66 4.57
N GLY G 42 29.33 27.56 3.24
CA GLY G 42 30.22 26.69 2.48
C GLY G 42 29.99 25.20 2.63
N SER G 43 28.82 24.81 3.17
CA SER G 43 28.52 23.39 3.37
C SER G 43 27.27 22.93 2.60
N SER G 44 27.14 21.62 2.41
CA SER G 44 25.98 21.01 1.83
C SER G 44 24.82 21.14 2.85
N PRO G 45 23.54 21.17 2.41
CA PRO G 45 22.45 21.18 3.40
C PRO G 45 22.42 19.83 4.12
N THR G 46 21.92 19.85 5.36
CA THR G 46 21.76 18.63 6.15
C THR G 46 20.29 18.58 6.53
N ILE G 47 19.75 17.39 6.75
CA ILE G 47 18.35 17.36 7.11
C ILE G 47 18.23 17.52 8.64
N VAL G 48 17.27 18.36 9.03
CA VAL G 48 16.97 18.60 10.44
C VAL G 48 15.69 17.81 10.76
N ILE G 49 14.69 17.91 9.86
CA ILE G 49 13.40 17.26 10.01
C ILE G 49 12.95 16.73 8.64
N PHE G 50 12.37 15.51 8.60
CA PHE G 50 11.76 14.96 7.38
C PHE G 50 10.41 14.42 7.73
N ALA G 51 9.53 14.24 6.74
CA ALA G 51 8.17 13.73 6.94
C ALA G 51 7.45 14.45 8.09
N ASN G 52 7.42 15.81 8.03
CA ASN G 52 6.79 16.75 8.98
C ASN G 52 7.49 16.89 10.33
N ASN G 53 7.83 15.76 10.99
CA ASN G 53 8.34 15.83 12.36
C ASN G 53 9.35 14.76 12.73
N GLN G 54 9.87 14.02 11.75
CA GLN G 54 10.86 12.96 12.01
C GLN G 54 12.22 13.56 12.11
N ARG G 55 12.90 13.23 13.19
CA ARG G 55 14.21 13.73 13.51
C ARG G 55 15.24 12.63 13.33
N PRO G 56 16.17 12.77 12.38
CA PRO G 56 17.21 11.73 12.23
C PRO G 56 18.15 11.69 13.45
N SER G 57 18.89 10.56 13.59
CA SER G 57 19.87 10.41 14.66
C SER G 57 20.99 11.40 14.37
N GLY G 58 21.46 12.07 15.41
CA GLY G 58 22.50 13.07 15.28
C GLY G 58 21.96 14.47 15.34
N VAL G 59 20.61 14.61 15.18
CA VAL G 59 19.94 15.92 15.25
C VAL G 59 19.48 16.12 16.69
N PRO G 60 19.90 17.22 17.37
CA PRO G 60 19.48 17.44 18.77
C PRO G 60 17.97 17.45 18.96
N ASP G 61 17.52 16.92 20.12
CA ASP G 61 16.13 16.84 20.59
C ASP G 61 15.43 18.22 20.63
N ARG G 62 16.23 19.32 20.61
CA ARG G 62 15.82 20.73 20.62
C ARG G 62 15.09 21.12 19.32
N PHE G 63 15.35 20.39 18.22
CA PHE G 63 14.72 20.63 16.93
C PHE G 63 13.46 19.82 16.80
N SER G 64 12.34 20.44 16.41
CA SER G 64 11.08 19.72 16.18
C SER G 64 10.28 20.38 15.06
N GLY G 65 9.53 19.56 14.35
CA GLY G 65 8.69 19.99 13.24
C GLY G 65 7.23 19.80 13.56
N SER G 66 6.39 20.68 13.02
CA SER G 66 4.95 20.59 13.17
C SER G 66 4.28 21.19 11.94
N ILE G 67 3.00 20.92 11.79
CA ILE G 67 2.18 21.43 10.69
C ILE G 67 0.88 21.97 11.26
N ASP G 68 0.34 23.01 10.61
CA ASP G 68 -0.92 23.65 10.96
C ASP G 68 -1.77 23.75 9.69
N SER G 69 -2.71 22.80 9.52
CA SER G 69 -3.59 22.73 8.33
C SER G 69 -4.49 23.98 8.17
N SER G 70 -4.95 24.56 9.27
CA SER G 70 -5.80 25.76 9.27
C SER G 70 -5.13 26.98 8.63
N SER G 71 -3.80 27.13 8.85
CA SER G 71 -3.02 28.24 8.28
C SER G 71 -2.22 27.79 7.06
N ASN G 72 -2.30 26.47 6.70
CA ASN G 72 -1.58 25.84 5.58
C ASN G 72 -0.08 26.06 5.71
N SER G 73 0.43 25.95 6.95
CA SER G 73 1.82 26.24 7.21
C SER G 73 2.51 25.16 8.03
N ALA G 74 3.84 25.09 7.90
CA ALA G 74 4.68 24.16 8.64
C ALA G 74 5.63 24.96 9.51
N SER G 75 6.07 24.39 10.64
CA SER G 75 6.97 25.13 11.50
C SER G 75 8.13 24.29 11.99
N LEU G 76 9.29 24.94 12.07
CA LEU G 76 10.48 24.37 12.66
C LEU G 76 10.70 25.14 13.95
N THR G 77 10.70 24.40 15.05
CA THR G 77 10.88 24.91 16.38
C THR G 77 12.25 24.48 16.90
N ILE G 78 12.99 25.44 17.46
CA ILE G 78 14.28 25.21 18.11
C ILE G 78 14.13 25.72 19.54
N SER G 79 14.19 24.82 20.54
CA SER G 79 14.13 25.22 21.94
C SER G 79 15.58 25.36 22.43
N GLY G 80 15.79 26.11 23.52
CA GLY G 80 17.12 26.29 24.09
C GLY G 80 18.14 26.69 23.04
N LEU G 81 17.80 27.73 22.26
CA LEU G 81 18.60 28.23 21.15
C LEU G 81 20.08 28.45 21.51
N LYS G 82 20.97 27.95 20.67
CA LYS G 82 22.42 28.07 20.87
C LYS G 82 23.04 28.80 19.71
N THR G 83 24.20 29.44 19.93
CA THR G 83 24.94 30.15 18.87
C THR G 83 25.31 29.23 17.72
N GLU G 84 25.54 27.91 18.00
CA GLU G 84 25.83 26.92 16.94
C GLU G 84 24.64 26.69 16.00
N ASP G 85 23.41 27.12 16.41
CA ASP G 85 22.22 26.97 15.59
C ASP G 85 22.18 28.02 14.48
N GLU G 86 23.10 29.02 14.53
CA GLU G 86 23.15 30.03 13.45
C GLU G 86 23.42 29.34 12.14
N ALA G 87 22.54 29.56 11.16
CA ALA G 87 22.65 28.92 9.83
C ALA G 87 21.47 29.39 9.01
N ASP G 88 21.37 28.91 7.76
CA ASP G 88 20.18 29.16 6.93
C ASP G 88 19.30 27.90 7.03
N TYR G 89 17.97 28.10 7.11
CA TYR G 89 17.03 26.98 7.22
C TYR G 89 16.05 27.04 6.08
N TYR G 90 15.82 25.91 5.39
CA TYR G 90 14.91 25.88 4.27
C TYR G 90 13.82 24.85 4.52
N CYS G 91 12.56 25.22 4.21
CA CYS G 91 11.50 24.23 4.27
C CYS G 91 11.34 23.73 2.83
N GLN G 92 10.81 22.52 2.68
CA GLN G 92 10.63 21.92 1.37
C GLN G 92 9.42 20.99 1.40
N THR G 93 8.61 21.01 0.33
CA THR G 93 7.50 20.06 0.20
C THR G 93 7.34 19.83 -1.30
N TYR G 94 6.24 19.23 -1.69
CA TYR G 94 6.03 18.83 -3.06
C TYR G 94 4.55 18.73 -3.37
N ASP G 95 4.26 18.37 -4.63
CA ASP G 95 2.93 18.06 -5.10
C ASP G 95 3.14 16.82 -6.00
N PRO G 96 2.14 16.25 -6.70
CA PRO G 96 2.42 15.03 -7.50
C PRO G 96 3.39 15.21 -8.67
N TYR G 97 3.83 16.42 -8.97
N TYR G 97 3.68 16.49 -9.08
CA TYR G 97 4.81 16.55 -10.02
CA TYR G 97 4.47 16.86 -10.29
C TYR G 97 6.06 17.25 -9.54
C TYR G 97 5.77 17.68 -10.08
N SER G 98 5.88 18.41 -8.95
CA SER G 98 6.95 19.31 -8.55
C SER G 98 7.45 19.12 -7.15
N VAL G 99 8.64 19.62 -6.90
CA VAL G 99 9.28 19.71 -5.59
C VAL G 99 9.62 21.20 -5.43
N VAL G 100 9.33 21.80 -4.26
CA VAL G 100 9.53 23.23 -4.03
C VAL G 100 10.29 23.48 -2.72
N PHE G 101 11.27 24.40 -2.75
CA PHE G 101 11.96 24.84 -1.52
C PHE G 101 11.46 26.22 -1.18
N GLY G 102 11.39 26.52 0.12
CA GLY G 102 11.09 27.88 0.55
C GLY G 102 12.31 28.73 0.23
N GLY G 103 12.17 30.05 0.33
CA GLY G 103 13.28 30.97 0.06
C GLY G 103 14.44 30.92 1.04
N GLY G 104 14.23 30.31 2.19
CA GLY G 104 15.24 30.19 3.24
C GLY G 104 15.13 31.27 4.29
N THR G 105 15.53 30.94 5.52
CA THR G 105 15.49 31.86 6.68
C THR G 105 16.89 31.91 7.27
N LYS G 106 17.48 33.10 7.34
CA LYS G 106 18.77 33.26 7.97
C LYS G 106 18.48 33.43 9.47
N LEU G 107 18.95 32.50 10.28
CA LEU G 107 18.77 32.55 11.73
C LEU G 107 20.00 33.16 12.38
N THR G 108 19.78 34.25 13.12
CA THR G 108 20.81 34.97 13.86
C THR G 108 20.59 34.80 15.34
N VAL G 109 21.67 34.52 16.06
CA VAL G 109 21.60 34.38 17.52
C VAL G 109 22.25 35.61 18.12
N LEU G 110 21.47 36.36 18.89
CA LEU G 110 21.90 37.64 19.48
C LEU G 110 22.77 37.48 20.72
N GLY G 111 23.37 38.59 21.18
CA GLY G 111 24.18 38.64 22.39
C GLY G 111 25.65 38.26 22.28
N GLN G 112 26.14 38.04 21.05
CA GLN G 112 27.53 37.66 20.81
C GLN G 112 28.44 38.89 20.99
N PRO G 113 29.67 38.74 21.53
CA PRO G 113 30.52 39.91 21.78
C PRO G 113 30.95 40.66 20.53
N LYS G 114 31.05 41.98 20.65
CA LYS G 114 31.52 42.87 19.59
C LYS G 114 33.01 42.61 19.47
N ALA G 115 33.56 42.69 18.24
CA ALA G 115 35.00 42.48 18.02
C ALA G 115 35.44 43.51 17.01
N ALA G 116 36.50 44.24 17.30
CA ALA G 116 36.99 45.29 16.42
C ALA G 116 37.80 44.65 15.31
N PRO G 117 37.76 45.22 14.10
CA PRO G 117 38.54 44.63 13.00
C PRO G 117 40.04 44.91 13.07
N SER G 118 40.81 43.94 12.57
CA SER G 118 42.26 44.05 12.40
C SER G 118 42.40 44.50 10.93
N VAL G 119 43.02 45.66 10.65
CA VAL G 119 43.12 46.14 9.27
C VAL G 119 44.57 46.18 8.79
N THR G 120 44.86 45.66 7.57
CA THR G 120 46.18 45.74 6.94
C THR G 120 46.02 46.23 5.52
N LEU G 121 46.86 47.19 5.16
CA LEU G 121 46.82 47.73 3.82
C LEU G 121 48.14 47.46 3.13
N PHE G 122 48.10 46.83 1.94
CA PHE G 122 49.33 46.58 1.21
C PHE G 122 49.39 47.46 -0.02
N PRO G 123 50.58 48.01 -0.32
CA PRO G 123 50.74 48.78 -1.55
C PRO G 123 50.92 47.83 -2.76
N PRO G 124 50.99 48.33 -4.01
CA PRO G 124 51.28 47.46 -5.14
C PRO G 124 52.66 46.84 -5.02
N SER G 125 52.79 45.59 -5.46
CA SER G 125 54.09 44.90 -5.47
C SER G 125 54.93 45.44 -6.64
N SER G 126 56.26 45.26 -6.56
CA SER G 126 57.19 45.63 -7.62
C SER G 126 56.86 44.87 -8.91
N GLU G 127 56.54 43.57 -8.78
CA GLU G 127 56.17 42.69 -9.89
C GLU G 127 54.95 43.22 -10.66
N GLU G 128 53.92 43.65 -9.94
CA GLU G 128 52.70 44.14 -10.59
C GLU G 128 52.96 45.49 -11.29
N LEU G 129 53.68 46.39 -10.62
CA LEU G 129 54.05 47.70 -11.19
C LEU G 129 54.84 47.54 -12.48
N GLN G 130 55.69 46.52 -12.52
CA GLN G 130 56.50 46.21 -13.68
C GLN G 130 55.60 45.76 -14.85
N ALA G 131 54.48 45.08 -14.53
CA ALA G 131 53.48 44.61 -15.49
C ALA G 131 52.48 45.72 -15.87
N ASN G 132 52.81 46.98 -15.53
CA ASN G 132 52.03 48.20 -15.79
C ASN G 132 50.64 48.17 -15.13
N LYS G 133 50.56 47.59 -13.91
CA LYS G 133 49.31 47.52 -13.16
C LYS G 133 49.58 47.92 -11.70
N ALA G 134 48.54 48.17 -10.92
CA ALA G 134 48.73 48.55 -9.52
C ALA G 134 47.45 48.28 -8.72
N THR G 135 47.55 47.46 -7.70
CA THR G 135 46.40 47.14 -6.85
C THR G 135 46.79 47.39 -5.40
N LEU G 136 45.98 48.15 -4.68
CA LEU G 136 46.11 48.35 -3.24
C LEU G 136 45.12 47.34 -2.64
N VAL G 137 45.56 46.64 -1.61
CA VAL G 137 44.78 45.59 -0.98
C VAL G 137 44.54 45.94 0.47
N CYS G 138 43.29 46.12 0.85
CA CYS G 138 42.91 46.43 2.23
C CYS G 138 42.17 45.22 2.83
N LEU G 139 42.81 44.54 3.78
CA LEU G 139 42.29 43.33 4.41
C LEU G 139 41.75 43.65 5.77
N ILE G 140 40.54 43.16 6.02
CA ILE G 140 39.80 43.44 7.22
C ILE G 140 39.39 42.13 7.86
N SER G 141 39.90 41.82 9.05
CA SER G 141 39.54 40.53 9.63
C SER G 141 39.12 40.61 11.10
N ASP G 142 38.51 39.52 11.61
CA ASP G 142 38.15 39.30 13.01
C ASP G 142 37.21 40.35 13.59
N PHE G 143 36.21 40.80 12.82
CA PHE G 143 35.24 41.79 13.31
C PHE G 143 33.85 41.14 13.56
N TYR G 144 33.09 41.71 14.50
CA TYR G 144 31.73 41.27 14.84
C TYR G 144 30.99 42.45 15.42
N PRO G 145 29.77 42.81 14.94
CA PRO G 145 28.98 42.20 13.84
C PRO G 145 29.57 42.44 12.45
N GLY G 146 28.94 41.81 11.43
CA GLY G 146 29.38 41.84 10.04
C GLY G 146 29.24 43.16 9.30
N ALA G 147 28.69 44.21 9.92
CA ALA G 147 28.54 45.46 9.17
C ALA G 147 29.84 46.27 9.22
N VAL G 148 30.35 46.66 8.04
CA VAL G 148 31.61 47.42 7.93
C VAL G 148 31.52 48.33 6.74
N THR G 149 32.04 49.55 6.85
CA THR G 149 32.08 50.51 5.76
C THR G 149 33.55 50.72 5.36
N VAL G 150 33.85 50.64 4.07
CA VAL G 150 35.20 50.85 3.56
C VAL G 150 35.26 52.07 2.63
N ALA G 151 36.14 53.00 2.91
CA ALA G 151 36.33 54.19 2.07
C ALA G 151 37.80 54.32 1.71
N TRP G 152 38.09 54.82 0.51
CA TRP G 152 39.44 55.02 0.02
C TRP G 152 39.68 56.50 -0.23
N LYS G 153 40.95 56.91 -0.07
CA LYS G 153 41.40 58.28 -0.28
C LYS G 153 42.69 58.26 -1.08
N ALA G 154 42.82 59.18 -2.07
CA ALA G 154 44.06 59.45 -2.85
C ALA G 154 44.46 60.78 -2.24
N ASP G 155 45.56 60.77 -1.44
CA ASP G 155 46.01 61.86 -0.56
C ASP G 155 44.86 62.04 0.44
N SER G 156 44.11 63.16 0.36
CA SER G 156 42.95 63.38 1.24
C SER G 156 41.64 63.30 0.46
N SER G 157 41.68 63.09 -0.87
CA SER G 157 40.48 63.03 -1.71
C SER G 157 39.77 61.68 -1.75
N PRO G 158 38.44 61.64 -1.50
CA PRO G 158 37.70 60.36 -1.61
C PRO G 158 37.80 59.80 -3.03
N VAL G 159 37.89 58.49 -3.16
CA VAL G 159 37.95 57.86 -4.48
C VAL G 159 36.93 56.74 -4.53
N LYS G 160 36.08 56.71 -5.57
CA LYS G 160 35.08 55.64 -5.75
C LYS G 160 35.42 54.75 -6.96
N ALA G 161 36.05 55.33 -7.98
CA ALA G 161 36.45 54.62 -9.20
C ALA G 161 37.56 53.60 -8.90
N GLY G 162 37.37 52.40 -9.42
CA GLY G 162 38.33 51.31 -9.29
C GLY G 162 38.28 50.57 -7.98
N VAL G 163 37.27 50.81 -7.14
CA VAL G 163 37.24 50.07 -5.87
C VAL G 163 36.26 48.90 -5.96
N GLU G 164 36.71 47.73 -5.47
CA GLU G 164 35.92 46.50 -5.41
C GLU G 164 36.02 45.98 -3.99
N THR G 165 34.87 45.91 -3.27
CA THR G 165 34.83 45.44 -1.89
C THR G 165 33.94 44.19 -1.76
N THR G 166 34.41 43.20 -1.01
CA THR G 166 33.61 42.00 -0.84
C THR G 166 32.54 42.24 0.21
N THR G 167 31.46 41.48 0.11
CA THR G 167 30.46 41.47 1.17
C THR G 167 31.11 40.66 2.32
N PRO G 168 31.10 41.13 3.59
CA PRO G 168 31.79 40.36 4.67
C PRO G 168 31.22 38.94 4.89
N SER G 169 32.08 37.95 5.18
CA SER G 169 31.59 36.60 5.45
C SER G 169 32.30 36.01 6.66
N LYS G 170 31.62 35.12 7.38
CA LYS G 170 32.14 34.49 8.58
C LYS G 170 33.34 33.62 8.31
N GLN G 171 34.31 33.72 9.21
CA GLN G 171 35.55 32.97 9.23
C GLN G 171 35.26 31.70 10.04
N SER G 172 36.26 30.83 10.20
CA SER G 172 36.13 29.61 11.01
C SER G 172 36.04 29.91 12.52
N ASN G 173 36.52 31.10 12.96
CA ASN G 173 36.46 31.54 14.37
C ASN G 173 35.14 32.28 14.71
N ASN G 174 34.21 32.32 13.75
CA ASN G 174 32.85 32.90 13.83
C ASN G 174 32.85 34.43 13.84
N LYS G 175 33.97 35.02 13.40
CA LYS G 175 34.04 36.46 13.27
C LYS G 175 34.00 36.70 11.76
N TYR G 176 33.86 37.94 11.30
CA TYR G 176 33.79 38.18 9.86
C TYR G 176 35.12 38.65 9.25
N ALA G 177 35.24 38.52 7.95
CA ALA G 177 36.39 39.03 7.17
C ALA G 177 35.87 39.66 5.93
N ALA G 178 36.59 40.67 5.40
CA ALA G 178 36.24 41.36 4.16
C ALA G 178 37.53 41.90 3.55
N SER G 179 37.49 42.17 2.25
CA SER G 179 38.62 42.78 1.58
C SER G 179 38.15 43.83 0.59
N SER G 180 39.00 44.81 0.38
CA SER G 180 38.73 45.90 -0.58
C SER G 180 39.96 46.12 -1.41
N TYR G 181 39.75 46.25 -2.72
CA TYR G 181 40.80 46.41 -3.70
C TYR G 181 40.61 47.69 -4.42
N LEU G 182 41.69 48.47 -4.52
CA LEU G 182 41.65 49.70 -5.29
C LEU G 182 42.59 49.50 -6.47
N SER G 183 42.00 49.53 -7.70
CA SER G 183 42.77 49.38 -8.92
C SER G 183 43.20 50.75 -9.45
N LEU G 184 44.51 50.97 -9.69
CA LEU G 184 45.07 52.24 -10.17
C LEU G 184 46.01 51.97 -11.31
N THR G 185 46.40 53.02 -12.06
CA THR G 185 47.46 52.86 -13.05
C THR G 185 48.75 53.11 -12.25
N PRO G 186 49.93 52.63 -12.68
CA PRO G 186 51.18 52.97 -11.98
C PRO G 186 51.40 54.48 -11.87
N GLU G 187 50.95 55.25 -12.89
CA GLU G 187 51.06 56.72 -12.94
C GLU G 187 50.24 57.38 -11.82
N GLN G 188 48.99 56.91 -11.59
CA GLN G 188 48.13 57.41 -10.49
C GLN G 188 48.78 57.11 -9.14
N TRP G 189 49.31 55.86 -8.97
CA TRP G 189 49.99 55.43 -7.76
C TRP G 189 51.18 56.35 -7.44
N LYS G 190 52.04 56.59 -8.44
CA LYS G 190 53.26 57.40 -8.29
C LYS G 190 53.03 58.92 -8.17
N SER G 191 51.87 59.42 -8.64
CA SER G 191 51.57 60.86 -8.63
C SER G 191 50.95 61.37 -7.32
N HIS G 192 50.54 60.46 -6.41
CA HIS G 192 50.00 60.90 -5.13
C HIS G 192 51.04 60.69 -4.04
N ARG G 193 50.96 61.47 -2.97
CA ARG G 193 51.83 61.35 -1.80
C ARG G 193 51.50 60.05 -1.03
N SER G 194 50.22 59.69 -0.97
CA SER G 194 49.78 58.49 -0.27
C SER G 194 48.37 58.10 -0.70
N TYR G 195 47.96 56.88 -0.31
CA TYR G 195 46.59 56.38 -0.45
C TYR G 195 46.23 55.80 0.90
N SER G 196 44.95 55.87 1.28
CA SER G 196 44.46 55.35 2.55
C SER G 196 43.20 54.51 2.38
N CYS G 197 43.06 53.51 3.25
CA CYS G 197 41.90 52.67 3.35
C CYS G 197 41.32 53.04 4.76
N GLN G 198 40.08 53.52 4.79
CA GLN G 198 39.41 53.91 6.03
C GLN G 198 38.31 52.89 6.30
N VAL G 199 38.36 52.23 7.45
CA VAL G 199 37.41 51.20 7.77
C VAL G 199 36.56 51.60 8.97
N THR G 200 35.26 51.68 8.78
CA THR G 200 34.34 52.04 9.87
C THR G 200 33.55 50.84 10.35
N HIS G 201 33.61 50.54 11.66
CA HIS G 201 32.90 49.43 12.31
C HIS G 201 32.38 49.89 13.68
N GLU G 202 31.08 49.73 13.92
CA GLU G 202 30.45 50.08 15.21
C GLU G 202 30.76 51.52 15.64
N GLY G 203 30.74 52.43 14.67
CA GLY G 203 30.96 53.85 14.89
C GLY G 203 32.40 54.32 15.02
N SER G 204 33.39 53.42 15.00
CA SER G 204 34.81 53.80 15.08
C SER G 204 35.47 53.60 13.73
N THR G 205 36.38 54.51 13.36
CA THR G 205 37.09 54.45 12.09
C THR G 205 38.58 54.31 12.29
N VAL G 206 39.15 53.32 11.61
CA VAL G 206 40.57 53.01 11.59
C VAL G 206 41.03 53.35 10.17
N GLU G 207 42.18 53.98 10.07
CA GLU G 207 42.70 54.37 8.78
C GLU G 207 44.14 53.87 8.57
N LYS G 208 44.38 53.16 7.47
CA LYS G 208 45.72 52.68 7.13
C LYS G 208 46.18 53.42 5.90
N THR G 209 47.47 53.79 5.84
CA THR G 209 48.01 54.58 4.74
C THR G 209 49.28 53.93 4.17
N VAL G 210 49.45 54.00 2.84
CA VAL G 210 50.63 53.50 2.12
C VAL G 210 51.08 54.62 1.17
N ALA G 211 52.36 54.64 0.82
CA ALA G 211 52.94 55.65 -0.04
C ALA G 211 53.92 55.04 -1.05
N PRO G 212 54.07 55.62 -2.26
CA PRO G 212 55.03 55.06 -3.25
C PRO G 212 56.47 54.98 -2.78
N THR G 213 57.24 54.02 -3.36
CA THR G 213 58.66 53.67 -3.12
C THR G 213 58.94 53.15 -1.70
#